data_8Y6H
#
_entry.id   8Y6H
#
_cell.length_a   1.00
_cell.length_b   1.00
_cell.length_c   1.00
_cell.angle_alpha   90.00
_cell.angle_beta   90.00
_cell.angle_gamma   90.00
#
_symmetry.space_group_name_H-M   'P 1'
#
loop_
_entity.id
_entity.type
_entity.pdbx_description
1 polymer 'ATP-dependent translocase ABCB1,mNeonGreen'
2 polymer 'UIC2 Fab light chain'
3 polymer 'UIC2 Fab heavy chain'
4 non-polymer elacridar
#
loop_
_entity_poly.entity_id
_entity_poly.type
_entity_poly.pdbx_seq_one_letter_code
_entity_poly.pdbx_strand_id
1 'polypeptide(L)'
;MDLEGDRNGGAKKKNFFKLNNKSEKDKKEKKPTVSVFSMFRYSNWLDKLYMVVGTLAAIIHGAGLPLMMLVFGEMTDIFA
NAGNLEDLMSNITNRSDINDTGFFMNLEEDMTRYAYYYSGIGAGVLVAAYIQVSFWCLAAGRQIHKIRKQFFHAIMRQEI
GWFDVHDVGELNTRLTDDVSKINEGIGDKIGMFFQSMATFFTGFIVGFTRGWKLTLVILAISPVLGLSAAVWAKILSSFT
DKELLAYAKAGAVAEEVLAAIRTVIAFGGQKKELERYNKNLEEAKRIGIKKAITANISIGAAFLLIYASYALAFWYGTTL
VLSGEYSIGQVLTVFFSVLIGAFSVGQASPSIEAFANARGAAYEIFKIIDNKPSIDSYSKSGHKPDNIKGNLEFRNVHFS
YPSRKEVKILKGLNLKVQSGQTVALVGNSGCGKSTTVQLMQRLYDPTEGMVSVDGQDIRTINVRFLREIIGVVSQEPVLF
ATTIAENIRYGRENVTMDEIEKAVKEANAYDFIMKLPHKFDTLVGERGAQLSGGQKQRIAIARALVRNPKILLLDEATSA
LDTESEAVVQVALDKARKGRTTIVIAHRLSTVRNADVIAGFDDGVIVEKGNHDELMKEKGIYFKLVTMQTAGNEVELENA
ADESKSEIDALEMSSNDSRSSLIRKRSTRRSVRGSQAQDRKLSTKEALDESIPPVSFWRIMKLNLTEWPYFVVGVFCAII
NGGLQPAFAIIFSKIIGVFTRIDDPETKRQNSNLFSLLFLALGIISFITFFLQGFTFGKAGEILTKRLRYMVFRSMLRQD
VSWFDDPKNTTGALTTRLANDAAQVKGAIGSRLAVITQNIANLGTGIIISFIYGWQLTLLLLAIVPIIAIAGVVEMKMLS
GQALKDKKELEGSGKIATEAIENFRTVVSLTQEQKFEHMYAQSLQVPYRNSLRKAHIFGITFSFTQAMMYFSYAGCFRFG
AYLVAHKLMSFEDVLLVFSAVVFGAMAVGQVSSFAPDYAKAKISAAHIIMIIEKTPLIDSYSTEGLMPNTLEGNVTFGEV
VFNYPTRPDIPVLQGLSLEVKKGQTLALVGSSGCGKSTVVQLLERFYDPLAGKVLLDGKEIKRLNVQWLRAHLGIVSQEP
ILFDCSIAENIAYGDNSRVVSQEEIVRAAKEANIHAFIESLPNKYSTKVGDKGTQLSGGQKQRIAIARALVRQPHILLLD
EATSALDTESEKVVQEALDKAREGRTCIVIAHRLSTIQNADLIVVFQNGRVKEHGTHQQLLAQKGIYFSMVSVQAGTKRQ
LEVLFQGPRPRGSKGEEDNMASLPATHELHIFGSINGVDFDMVGQGTGNPNDGYEELNLKSTKGDLQFSPWILVPHIGYG
FHQYLPYPDGMSPFQAAMVDGSGYQVHRTMQFEDGASLTVNYRYTYEGSHIKGEAQVKGTGFPADGPVMTNSLTAADWCR
SKKTYPNDKTIISTFKWSYTTGNGKRYRSTARTTYTFAKPMAANYLKNQPMYVFRKTELKHSKTELNFKEWQKAFTDVMG
MDELYKHHHHHHHH
;
A
2 'polypeptide(L)'
;QVVMTQSPLSLPVSLGDQASISCRSSQSLLHSNGNTYLHWYLQKPGQSPKLLIYKVSNRFSGVPDRFSGSGSGTDFTLKI
SRVEAEDLGVYFCSQSTHIPPWTFGGGTKLDIKRADAAPTVSIFPPSSEQLTSGGLSVVCFLNNFYPKDINVKWKIDGSE
RQNGVLNSWTDQDSKDSTYSMSSTLTLTKDEYERHNSYTCEATHKTSTSPIVKSFNRNEC
;
B
3 'polypeptide(L)'
;EVQLQESGPELVKTGASVKISCKASGYSFSNYYIHWVKQSHGKSLEWIGFISCYNGATFYNQKFKGKATFTVDNSSSTAY
MKFNSLTFEDSAVYYCARLPIQFGNFYPMDYWGQGTTVTVSSAKTTAPSVYPLAPVCGDTTGSSVTLGCLVKGYFPEPVT
LTWNSGSLSSGVHTFPAVLQSDLYTLSSSVTVTSSTWPSQSITCNVAHPASSTKVDKKIEPRGPT
;
C
#
loop_
_chem_comp.id
_chem_comp.type
_chem_comp.name
_chem_comp.formula
R0Z non-polymer elacridar 'C34 H33 N3 O5'
#
# COMPACT_ATOMS: atom_id res chain seq x y z
N PRO A 32 14.82 38.99 -26.19
CA PRO A 32 13.41 39.13 -25.83
C PRO A 32 13.13 38.81 -24.37
N THR A 33 14.10 38.26 -23.66
CA THR A 33 13.94 37.96 -22.24
C THR A 33 15.13 38.49 -21.46
N VAL A 34 14.87 38.86 -20.21
CA VAL A 34 15.90 39.38 -19.33
C VAL A 34 16.59 38.22 -18.64
N SER A 35 17.63 38.51 -17.89
CA SER A 35 18.37 37.48 -17.18
C SER A 35 17.57 36.98 -15.98
N VAL A 36 17.84 35.75 -15.57
CA VAL A 36 17.21 35.20 -14.38
C VAL A 36 17.61 36.00 -13.15
N PHE A 37 18.85 36.49 -13.12
CA PHE A 37 19.27 37.32 -12.01
C PHE A 37 18.74 38.74 -12.14
N SER A 38 18.70 39.28 -13.36
CA SER A 38 18.21 40.63 -13.57
C SER A 38 16.71 40.73 -13.36
N MET A 39 16.02 39.59 -13.30
CA MET A 39 14.58 39.62 -13.02
C MET A 39 14.31 40.14 -11.62
N PHE A 40 15.18 39.83 -10.66
CA PHE A 40 14.96 40.22 -9.28
C PHE A 40 15.90 41.34 -8.85
N ARG A 41 16.05 42.38 -9.65
CA ARG A 41 16.99 43.43 -9.30
C ARG A 41 16.40 44.46 -8.36
N TYR A 42 15.10 44.46 -8.14
CA TYR A 42 14.47 45.41 -7.23
C TYR A 42 14.23 44.81 -5.85
N SER A 43 14.79 43.65 -5.58
CA SER A 43 14.64 43.02 -4.28
C SER A 43 15.73 43.52 -3.35
N ASN A 44 15.34 43.91 -2.15
CA ASN A 44 16.29 44.28 -1.14
C ASN A 44 16.52 43.12 -0.19
N TRP A 45 17.20 43.39 0.92
CA TRP A 45 17.54 42.32 1.86
C TRP A 45 16.29 41.63 2.38
N LEU A 46 15.23 42.40 2.62
CA LEU A 46 14.01 41.80 3.16
C LEU A 46 13.35 40.89 2.15
N ASP A 47 13.33 41.29 0.88
CA ASP A 47 12.74 40.44 -0.14
C ASP A 47 13.56 39.18 -0.35
N LYS A 48 14.89 39.30 -0.29
CA LYS A 48 15.71 38.11 -0.42
C LYS A 48 15.48 37.16 0.75
N LEU A 49 15.31 37.71 1.95
CA LEU A 49 14.97 36.89 3.11
C LEU A 49 13.62 36.21 2.93
N TYR A 50 12.63 36.94 2.45
CA TYR A 50 11.33 36.36 2.20
C TYR A 50 11.43 35.20 1.22
N MET A 51 12.19 35.38 0.15
CA MET A 51 12.34 34.30 -0.83
C MET A 51 13.03 33.10 -0.24
N VAL A 52 14.10 33.31 0.52
CA VAL A 52 14.83 32.18 1.08
C VAL A 52 13.96 31.39 2.04
N VAL A 53 13.32 32.09 2.98
CA VAL A 53 12.53 31.39 3.98
C VAL A 53 11.27 30.81 3.38
N GLY A 54 10.69 31.47 2.37
CA GLY A 54 9.56 30.91 1.69
C GLY A 54 9.90 29.68 0.90
N THR A 55 11.11 29.61 0.37
CA THR A 55 11.54 28.41 -0.34
C THR A 55 11.80 27.26 0.63
N LEU A 56 12.40 27.54 1.77
CA LEU A 56 12.55 26.48 2.77
C LEU A 56 11.18 25.97 3.23
N ALA A 57 10.26 26.88 3.51
CA ALA A 57 8.92 26.47 3.89
C ALA A 57 8.24 25.71 2.77
N ALA A 58 8.52 26.05 1.52
CA ALA A 58 7.93 25.30 0.41
C ALA A 58 8.46 23.88 0.37
N ILE A 59 9.76 23.71 0.56
CA ILE A 59 10.33 22.37 0.60
C ILE A 59 9.69 21.56 1.72
N ILE A 60 9.57 22.15 2.90
CA ILE A 60 8.98 21.43 4.03
C ILE A 60 7.53 21.09 3.75
N HIS A 61 6.77 22.05 3.24
CA HIS A 61 5.36 21.81 2.93
C HIS A 61 5.20 20.72 1.90
N GLY A 62 6.05 20.70 0.89
CA GLY A 62 5.95 19.67 -0.13
C GLY A 62 6.32 18.31 0.38
N ALA A 63 7.25 18.24 1.33
CA ALA A 63 7.61 16.96 1.90
C ALA A 63 6.55 16.39 2.82
N GLY A 64 5.42 17.06 3.00
CA GLY A 64 4.48 16.65 4.03
C GLY A 64 3.49 15.60 3.60
N LEU A 65 3.22 15.48 2.32
CA LEU A 65 2.24 14.52 1.85
C LEU A 65 2.83 13.12 1.73
N PRO A 66 4.06 12.95 1.24
CA PRO A 66 4.67 11.62 1.31
C PRO A 66 4.87 11.09 2.72
N LEU A 67 5.22 11.93 3.69
CA LEU A 67 5.29 11.44 5.06
C LEU A 67 3.91 11.03 5.55
N MET A 68 2.89 11.76 5.13
CA MET A 68 1.53 11.37 5.43
C MET A 68 1.24 9.98 4.89
N MET A 69 1.71 9.68 3.68
CA MET A 69 1.46 8.37 3.10
C MET A 69 2.23 7.28 3.82
N LEU A 70 3.42 7.61 4.30
CA LEU A 70 4.18 6.69 5.13
C LEU A 70 3.40 6.32 6.40
N VAL A 71 2.92 7.34 7.11
CA VAL A 71 2.15 7.10 8.33
C VAL A 71 0.87 6.35 8.02
N PHE A 72 0.25 6.65 6.88
CA PHE A 72 -1.00 6.00 6.51
C PHE A 72 -0.78 4.52 6.24
N GLY A 73 0.32 4.18 5.60
CA GLY A 73 0.65 2.77 5.41
C GLY A 73 0.87 2.04 6.72
N GLU A 74 1.60 2.66 7.64
CA GLU A 74 1.81 1.99 8.93
C GLU A 74 0.52 1.76 9.67
N MET A 75 -0.36 2.76 9.65
CA MET A 75 -1.67 2.62 10.28
C MET A 75 -2.49 1.51 9.63
N THR A 76 -2.49 1.46 8.31
CA THR A 76 -3.20 0.40 7.61
C THR A 76 -2.68 -0.95 8.03
N ASP A 77 -1.37 -1.09 8.20
CA ASP A 77 -0.82 -2.38 8.57
C ASP A 77 -1.22 -2.77 9.98
N ILE A 78 -1.28 -1.81 10.89
CA ILE A 78 -1.78 -2.09 12.24
C ILE A 78 -3.17 -2.69 12.16
N PHE A 79 -4.05 -2.01 11.43
CA PHE A 79 -5.43 -2.48 11.32
C PHE A 79 -5.51 -3.86 10.66
N ALA A 80 -4.72 -4.07 9.61
CA ALA A 80 -4.78 -5.32 8.88
C ALA A 80 -4.30 -6.49 9.73
N ASN A 81 -3.21 -6.29 10.48
CA ASN A 81 -2.71 -7.36 11.32
C ASN A 81 -3.69 -7.69 12.42
N ALA A 82 -4.30 -6.68 13.04
CA ALA A 82 -5.31 -6.95 14.05
C ALA A 82 -6.47 -7.74 13.46
N GLY A 83 -6.91 -7.36 12.26
CA GLY A 83 -8.05 -8.04 11.68
C GLY A 83 -7.74 -9.48 11.31
N ASN A 84 -6.55 -9.73 10.77
CA ASN A 84 -6.18 -11.09 10.44
C ASN A 84 -6.07 -11.95 11.68
N LEU A 85 -5.52 -11.42 12.75
CA LEU A 85 -5.40 -12.21 13.97
C LEU A 85 -6.76 -12.50 14.58
N GLU A 86 -7.67 -11.53 14.55
CA GLU A 86 -9.01 -11.79 15.06
C GLU A 86 -9.72 -12.83 14.22
N ASP A 87 -9.63 -12.73 12.89
CA ASP A 87 -10.21 -13.77 12.05
C ASP A 87 -9.66 -15.14 12.41
N LEU A 88 -8.36 -15.23 12.63
CA LEU A 88 -7.78 -16.51 12.96
C LEU A 88 -8.32 -17.05 14.28
N MET A 89 -8.31 -16.24 15.34
CA MET A 89 -8.71 -16.72 16.65
C MET A 89 -10.20 -16.56 16.93
N SER A 90 -11.01 -16.34 15.88
CA SER A 90 -12.47 -16.33 16.02
C SER A 90 -12.98 -17.40 16.98
N ASN A 91 -12.81 -18.68 16.63
CA ASN A 91 -13.52 -19.74 17.35
C ASN A 91 -13.06 -19.88 18.79
N ILE A 92 -11.77 -19.65 19.05
CA ILE A 92 -11.20 -19.82 20.38
C ILE A 92 -11.96 -19.01 21.41
N PHE A 104 -7.56 -6.96 19.03
CA PHE A 104 -8.08 -5.61 19.09
C PHE A 104 -7.82 -5.02 20.46
N MET A 105 -7.06 -5.75 21.27
CA MET A 105 -6.81 -5.30 22.64
C MET A 105 -6.03 -4.00 22.66
N ASN A 106 -5.09 -3.81 21.74
CA ASN A 106 -4.22 -2.65 21.75
C ASN A 106 -4.47 -1.73 20.58
N LEU A 107 -5.59 -1.88 19.88
CA LEU A 107 -5.83 -1.11 18.66
C LEU A 107 -5.98 0.37 18.97
N GLU A 108 -6.72 0.70 20.03
CA GLU A 108 -6.92 2.11 20.36
C GLU A 108 -5.64 2.74 20.90
N GLU A 109 -4.90 2.02 21.71
CA GLU A 109 -3.63 2.53 22.18
C GLU A 109 -2.67 2.76 21.03
N ASP A 110 -2.68 1.87 20.04
CA ASP A 110 -1.80 2.04 18.89
C ASP A 110 -2.25 3.17 18.01
N MET A 111 -3.55 3.43 17.95
CA MET A 111 -4.03 4.48 17.09
C MET A 111 -3.88 5.87 17.69
N THR A 112 -3.74 5.97 19.01
CA THR A 112 -3.45 7.29 19.58
C THR A 112 -2.12 7.84 19.08
N ARG A 113 -1.10 6.98 18.97
CA ARG A 113 0.18 7.45 18.45
C ARG A 113 0.06 7.91 17.01
N TYR A 114 -0.74 7.22 16.22
CA TYR A 114 -0.84 7.63 14.82
C TYR A 114 -1.70 8.87 14.68
N ALA A 115 -2.66 9.08 15.56
CA ALA A 115 -3.36 10.34 15.60
C ALA A 115 -2.39 11.47 15.91
N TYR A 116 -1.44 11.22 16.81
CA TYR A 116 -0.44 12.22 17.13
C TYR A 116 0.45 12.52 15.92
N TYR A 117 0.88 11.48 15.21
CA TYR A 117 1.70 11.69 14.02
C TYR A 117 0.94 12.48 12.96
N TYR A 118 -0.30 12.09 12.70
CA TYR A 118 -1.13 12.81 11.76
C TYR A 118 -1.26 14.28 12.14
N SER A 119 -1.56 14.54 13.41
CA SER A 119 -1.76 15.92 13.85
C SER A 119 -0.46 16.71 13.83
N GLY A 120 0.67 16.06 14.11
CA GLY A 120 1.93 16.76 14.04
C GLY A 120 2.28 17.16 12.63
N ILE A 121 2.11 16.25 11.68
CA ILE A 121 2.34 16.60 10.29
C ILE A 121 1.37 17.67 9.85
N GLY A 122 0.13 17.61 10.32
CA GLY A 122 -0.84 18.63 9.95
C GLY A 122 -0.47 20.01 10.47
N ALA A 123 0.01 20.08 11.71
CA ALA A 123 0.42 21.36 12.27
C ALA A 123 1.66 21.90 11.59
N GLY A 124 2.62 21.02 11.31
CA GLY A 124 3.78 21.44 10.55
C GLY A 124 3.40 21.96 9.19
N VAL A 125 2.45 21.31 8.52
CA VAL A 125 2.03 21.75 7.21
C VAL A 125 1.28 23.07 7.31
N LEU A 126 0.47 23.23 8.35
CA LEU A 126 -0.19 24.52 8.55
C LEU A 126 0.82 25.64 8.58
N VAL A 127 1.82 25.51 9.45
CA VAL A 127 2.82 26.57 9.58
C VAL A 127 3.60 26.76 8.28
N ALA A 128 4.02 25.66 7.66
CA ALA A 128 4.87 25.76 6.48
C ALA A 128 4.13 26.33 5.29
N ALA A 129 2.89 25.90 5.08
CA ALA A 129 2.09 26.45 3.99
C ALA A 129 1.82 27.91 4.21
N TYR A 130 1.53 28.31 5.44
CA TYR A 130 1.33 29.72 5.69
C TYR A 130 2.57 30.51 5.31
N ILE A 131 3.72 30.10 5.82
CA ILE A 131 4.93 30.87 5.56
C ILE A 131 5.25 30.90 4.07
N GLN A 132 5.11 29.77 3.39
CA GLN A 132 5.41 29.74 1.97
C GLN A 132 4.56 30.73 1.21
N VAL A 133 3.23 30.59 1.30
CA VAL A 133 2.34 31.45 0.53
C VAL A 133 2.55 32.90 0.91
N SER A 134 2.61 33.18 2.21
CA SER A 134 2.70 34.55 2.69
C SER A 134 3.98 35.21 2.22
N PHE A 135 5.12 34.55 2.40
CA PHE A 135 6.39 35.19 2.09
C PHE A 135 6.56 35.36 0.59
N TRP A 136 6.07 34.41 -0.21
CA TRP A 136 6.21 34.61 -1.64
C TRP A 136 5.32 35.72 -2.14
N CYS A 137 4.10 35.83 -1.62
CA CYS A 137 3.25 36.94 -2.03
C CYS A 137 3.83 38.27 -1.57
N LEU A 138 4.44 38.32 -0.39
CA LEU A 138 4.98 39.58 0.09
C LEU A 138 6.17 40.03 -0.74
N ALA A 139 7.09 39.10 -1.04
CA ALA A 139 8.22 39.45 -1.89
C ALA A 139 7.76 39.92 -3.25
N ALA A 140 6.83 39.19 -3.86
CA ALA A 140 6.33 39.59 -5.17
C ALA A 140 5.67 40.95 -5.11
N GLY A 141 4.87 41.22 -4.08
CA GLY A 141 4.16 42.47 -4.02
C GLY A 141 5.08 43.65 -3.84
N ARG A 142 6.08 43.52 -2.96
CA ARG A 142 7.02 44.61 -2.78
C ARG A 142 7.78 44.88 -4.07
N GLN A 143 8.22 43.83 -4.76
CA GLN A 143 8.95 44.06 -5.99
C GLN A 143 8.07 44.66 -7.07
N ILE A 144 6.83 44.21 -7.18
CA ILE A 144 5.96 44.75 -8.20
C ILE A 144 5.65 46.21 -7.92
N HIS A 145 5.54 46.58 -6.65
CA HIS A 145 5.31 47.97 -6.32
C HIS A 145 6.50 48.83 -6.73
N LYS A 146 7.70 48.41 -6.35
CA LYS A 146 8.89 49.16 -6.75
C LYS A 146 8.99 49.24 -8.27
N ILE A 147 8.63 48.17 -8.97
CA ILE A 147 8.72 48.16 -10.42
C ILE A 147 7.74 49.14 -11.02
N ARG A 148 6.51 49.14 -10.53
CA ARG A 148 5.50 50.05 -11.06
C ARG A 148 5.94 51.49 -10.88
N LYS A 149 6.44 51.82 -9.68
CA LYS A 149 6.87 53.19 -9.46
C LYS A 149 8.05 53.56 -10.35
N GLN A 150 9.03 52.66 -10.48
CA GLN A 150 10.18 52.94 -11.32
C GLN A 150 9.79 53.07 -12.79
N PHE A 151 8.88 52.24 -13.25
CA PHE A 151 8.48 52.28 -14.64
C PHE A 151 7.76 53.57 -14.94
N PHE A 152 6.88 54.03 -14.05
CA PHE A 152 6.21 55.28 -14.33
C PHE A 152 7.15 56.47 -14.18
N HIS A 153 8.16 56.36 -13.33
CA HIS A 153 9.15 57.42 -13.26
C HIS A 153 9.96 57.50 -14.54
N ALA A 154 10.31 56.35 -15.11
CA ALA A 154 11.15 56.34 -16.30
C ALA A 154 10.35 56.64 -17.56
N ILE A 155 9.07 56.28 -17.62
CA ILE A 155 8.28 56.57 -18.80
C ILE A 155 8.04 58.06 -18.91
N MET A 156 8.43 58.82 -17.89
CA MET A 156 8.26 60.26 -17.89
C MET A 156 9.57 61.02 -17.77
N ARG A 157 10.65 60.36 -17.36
CA ARG A 157 11.96 60.97 -17.47
C ARG A 157 12.46 60.97 -18.91
N GLN A 158 11.63 60.60 -19.87
CA GLN A 158 12.05 60.48 -21.26
C GLN A 158 12.18 61.85 -21.92
N LEU A 171 2.07 52.20 -24.93
CA LEU A 171 2.89 52.12 -23.72
C LEU A 171 2.02 52.09 -22.48
N ASN A 172 0.73 51.90 -22.68
CA ASN A 172 -0.19 51.75 -21.56
C ASN A 172 -0.43 50.29 -21.24
N THR A 173 -0.49 49.44 -22.26
CA THR A 173 -0.46 48.00 -22.03
C THR A 173 0.77 47.61 -21.24
N ARG A 174 1.93 48.12 -21.63
CA ARG A 174 3.17 47.80 -20.93
C ARG A 174 3.15 48.24 -19.48
N LEU A 175 2.26 49.15 -19.10
CA LEU A 175 2.21 49.61 -17.72
C LEU A 175 1.08 48.97 -16.93
N THR A 176 0.08 48.42 -17.61
CA THR A 176 -1.00 47.73 -16.92
C THR A 176 -0.81 46.21 -16.94
N ASP A 177 -0.75 45.61 -18.12
CA ASP A 177 -0.76 44.17 -18.25
C ASP A 177 0.62 43.54 -18.13
N ASP A 178 1.67 44.23 -18.56
CA ASP A 178 3.00 43.64 -18.49
C ASP A 178 3.47 43.51 -17.05
N VAL A 179 3.16 44.48 -16.21
CA VAL A 179 3.55 44.35 -14.81
C VAL A 179 2.75 43.25 -14.13
N SER A 180 1.49 43.07 -14.54
CA SER A 180 0.73 41.96 -14.00
C SER A 180 1.30 40.62 -14.45
N LYS A 181 1.84 40.57 -15.67
CA LYS A 181 2.50 39.34 -16.11
C LYS A 181 3.76 39.07 -15.29
N ILE A 182 4.55 40.10 -15.02
CA ILE A 182 5.70 39.92 -14.12
C ILE A 182 5.25 39.41 -12.78
N ASN A 183 4.17 39.97 -12.24
CA ASN A 183 3.66 39.54 -10.94
C ASN A 183 3.29 38.07 -10.97
N GLU A 184 2.49 37.67 -11.96
CA GLU A 184 2.13 36.28 -12.10
C GLU A 184 3.35 35.39 -12.23
N GLY A 185 4.45 35.91 -12.76
CA GLY A 185 5.61 35.08 -12.92
C GLY A 185 6.50 34.90 -11.71
N ILE A 186 6.68 35.94 -10.89
CA ILE A 186 7.70 35.90 -9.85
C ILE A 186 7.09 35.75 -8.45
N GLY A 187 5.86 35.30 -8.35
CA GLY A 187 5.24 35.24 -7.04
C GLY A 187 4.93 33.86 -6.52
N ASP A 188 3.64 33.56 -6.38
CA ASP A 188 3.21 32.27 -5.88
C ASP A 188 3.76 31.12 -6.71
N LYS A 189 3.80 31.28 -8.03
CA LYS A 189 4.15 30.15 -8.89
C LYS A 189 5.52 29.58 -8.56
N ILE A 190 6.43 30.40 -8.06
CA ILE A 190 7.75 29.89 -7.72
C ILE A 190 7.68 29.03 -6.47
N GLY A 191 6.91 29.46 -5.48
CA GLY A 191 6.68 28.63 -4.32
C GLY A 191 6.01 27.32 -4.68
N MET A 192 4.98 27.38 -5.53
CA MET A 192 4.37 26.16 -6.05
C MET A 192 5.42 25.25 -6.64
N PHE A 193 6.29 25.81 -7.47
CA PHE A 193 7.26 24.99 -8.18
C PHE A 193 8.17 24.27 -7.20
N PHE A 194 8.66 24.98 -6.19
CA PHE A 194 9.55 24.34 -5.24
C PHE A 194 8.80 23.32 -4.39
N GLN A 195 7.55 23.61 -4.03
CA GLN A 195 6.77 22.65 -3.28
C GLN A 195 6.54 21.38 -4.07
N SER A 196 6.30 21.50 -5.37
CA SER A 196 6.03 20.33 -6.18
C SER A 196 7.29 19.54 -6.46
N MET A 197 8.42 20.22 -6.63
CA MET A 197 9.68 19.50 -6.74
C MET A 197 9.96 18.73 -5.46
N ALA A 198 9.69 19.33 -4.30
CA ALA A 198 9.89 18.62 -3.04
C ALA A 198 8.95 17.44 -2.92
N THR A 199 7.70 17.59 -3.33
CA THR A 199 6.77 16.48 -3.29
C THR A 199 7.24 15.34 -4.16
N PHE A 200 7.72 15.66 -5.36
CA PHE A 200 8.21 14.63 -6.27
C PHE A 200 9.40 13.89 -5.66
N PHE A 201 10.42 14.63 -5.22
CA PHE A 201 11.61 13.97 -4.70
C PHE A 201 11.31 13.18 -3.44
N THR A 202 10.57 13.75 -2.51
CA THR A 202 10.27 13.04 -1.28
C THR A 202 9.40 11.82 -1.54
N GLY A 203 8.44 11.93 -2.45
CA GLY A 203 7.62 10.79 -2.77
C GLY A 203 8.43 9.66 -3.35
N PHE A 204 9.41 9.99 -4.19
CA PHE A 204 10.18 8.92 -4.80
C PHE A 204 11.21 8.35 -3.82
N ILE A 205 11.69 9.16 -2.87
CA ILE A 205 12.56 8.62 -1.83
C ILE A 205 11.78 7.67 -0.94
N VAL A 206 10.58 8.06 -0.54
CA VAL A 206 9.75 7.19 0.30
C VAL A 206 9.41 5.91 -0.46
N GLY A 207 9.11 6.03 -1.75
CA GLY A 207 8.83 4.86 -2.54
C GLY A 207 10.00 3.90 -2.60
N PHE A 208 11.19 4.42 -2.93
CA PHE A 208 12.34 3.54 -3.04
C PHE A 208 12.80 3.00 -1.71
N THR A 209 12.48 3.68 -0.62
CA THR A 209 12.88 3.17 0.69
C THR A 209 11.90 2.13 1.20
N ARG A 210 10.62 2.24 0.83
CA ARG A 210 9.66 1.28 1.33
C ARG A 210 9.54 0.07 0.41
N GLY A 211 9.52 0.28 -0.90
CA GLY A 211 9.46 -0.82 -1.83
C GLY A 211 9.97 -0.50 -3.23
N TRP A 212 11.19 -0.92 -3.54
CA TRP A 212 11.80 -0.51 -4.79
C TRP A 212 11.19 -1.24 -5.99
N LYS A 213 10.70 -2.46 -5.81
CA LYS A 213 10.11 -3.18 -6.94
C LYS A 213 8.83 -2.49 -7.41
N LEU A 214 7.92 -2.24 -6.48
CA LEU A 214 6.71 -1.53 -6.84
C LEU A 214 7.02 -0.12 -7.30
N THR A 215 8.03 0.53 -6.70
CA THR A 215 8.40 1.85 -7.14
C THR A 215 8.88 1.86 -8.57
N LEU A 216 9.61 0.82 -8.97
CA LEU A 216 10.06 0.73 -10.36
C LEU A 216 8.89 0.51 -11.29
N VAL A 217 7.94 -0.32 -10.88
CA VAL A 217 6.78 -0.55 -11.73
C VAL A 217 6.00 0.73 -11.94
N ILE A 218 5.91 1.57 -10.91
CA ILE A 218 5.23 2.86 -11.09
C ILE A 218 6.12 3.88 -11.79
N LEU A 219 7.44 3.78 -11.67
CA LEU A 219 8.34 4.53 -12.54
C LEU A 219 8.01 4.33 -13.99
N ALA A 220 7.88 3.08 -14.41
CA ALA A 220 7.58 2.81 -15.81
C ALA A 220 6.39 3.60 -16.31
N ILE A 221 5.52 4.05 -15.41
CA ILE A 221 4.32 4.78 -15.78
C ILE A 221 4.44 6.28 -15.52
N SER A 222 5.29 6.68 -14.59
CA SER A 222 5.37 8.09 -14.19
C SER A 222 5.63 9.08 -15.31
N PRO A 223 6.35 8.77 -16.38
CA PRO A 223 6.44 9.74 -17.48
C PRO A 223 5.08 10.10 -18.05
N VAL A 224 4.25 9.10 -18.30
CA VAL A 224 2.94 9.36 -18.86
C VAL A 224 2.06 10.09 -17.86
N LEU A 225 2.23 9.79 -16.57
CA LEU A 225 1.43 10.47 -15.55
C LEU A 225 1.81 11.93 -15.42
N GLY A 226 3.12 12.22 -15.40
CA GLY A 226 3.55 13.60 -15.34
C GLY A 226 3.17 14.36 -16.59
N LEU A 227 3.20 13.69 -17.75
CA LEU A 227 2.78 14.35 -18.98
C LEU A 227 1.28 14.63 -18.98
N SER A 228 0.49 13.69 -18.48
CA SER A 228 -0.94 13.92 -18.35
C SER A 228 -1.23 15.09 -17.42
N ALA A 229 -0.54 15.14 -16.28
CA ALA A 229 -0.77 16.22 -15.34
C ALA A 229 -0.34 17.55 -15.94
N ALA A 230 0.74 17.56 -16.72
CA ALA A 230 1.20 18.78 -17.35
C ALA A 230 0.19 19.28 -18.38
N VAL A 231 -0.29 18.38 -19.24
CA VAL A 231 -1.27 18.78 -20.24
C VAL A 231 -2.55 19.24 -19.57
N TRP A 232 -2.96 18.54 -18.52
CA TRP A 232 -4.15 18.94 -17.76
C TRP A 232 -4.01 20.35 -17.23
N ALA A 233 -2.91 20.64 -16.55
CA ALA A 233 -2.73 21.94 -15.94
C ALA A 233 -2.59 23.02 -17.00
N LYS A 234 -1.99 22.70 -18.15
CA LYS A 234 -1.87 23.69 -19.21
C LYS A 234 -3.22 24.00 -19.83
N ILE A 235 -4.04 22.98 -20.05
CA ILE A 235 -5.39 23.19 -20.55
C ILE A 235 -6.18 24.06 -19.58
N LEU A 236 -6.02 23.80 -18.28
CA LEU A 236 -6.74 24.61 -17.31
C LEU A 236 -6.26 26.05 -17.33
N SER A 237 -4.95 26.25 -17.42
CA SER A 237 -4.42 27.61 -17.43
C SER A 237 -4.92 28.39 -18.63
N SER A 238 -4.79 27.82 -19.81
CA SER A 238 -5.05 28.58 -21.02
C SER A 238 -6.49 28.52 -21.49
N PHE A 239 -7.44 28.13 -20.64
CA PHE A 239 -8.79 27.89 -21.14
C PHE A 239 -9.49 29.20 -21.49
N THR A 240 -9.41 30.20 -20.62
CA THR A 240 -10.14 31.43 -20.88
C THR A 240 -9.47 32.27 -21.95
N ASP A 241 -8.14 32.21 -22.02
CA ASP A 241 -7.42 32.92 -23.07
C ASP A 241 -7.83 32.42 -24.44
N LYS A 242 -7.95 31.10 -24.61
CA LYS A 242 -8.39 30.57 -25.89
C LYS A 242 -9.82 30.96 -26.19
N GLU A 243 -10.68 31.03 -25.18
CA GLU A 243 -12.05 31.46 -25.40
C GLU A 243 -12.08 32.88 -25.92
N LEU A 244 -11.31 33.78 -25.31
CA LEU A 244 -11.26 35.14 -25.81
C LEU A 244 -10.64 35.21 -27.19
N LEU A 245 -9.68 34.34 -27.49
CA LEU A 245 -8.99 34.41 -28.77
C LEU A 245 -9.89 33.93 -29.90
N ALA A 246 -10.77 32.97 -29.64
CA ALA A 246 -11.64 32.47 -30.70
C ALA A 246 -12.54 33.56 -31.26
N TYR A 247 -13.04 34.44 -30.41
CA TYR A 247 -13.97 35.50 -30.78
C TYR A 247 -13.27 36.71 -31.39
N ALA A 248 -11.95 36.66 -31.53
CA ALA A 248 -11.21 37.87 -31.92
C ALA A 248 -11.67 38.39 -33.27
N LYS A 249 -11.80 37.51 -34.27
CA LYS A 249 -12.10 37.99 -35.61
C LYS A 249 -13.51 38.56 -35.71
N ALA A 250 -14.44 38.05 -34.89
CA ALA A 250 -15.80 38.56 -34.93
C ALA A 250 -15.95 39.80 -34.05
N GLY A 251 -15.17 39.87 -32.98
CA GLY A 251 -15.16 41.07 -32.17
C GLY A 251 -14.64 42.27 -32.93
N ALA A 252 -13.72 42.05 -33.87
CA ALA A 252 -13.24 43.14 -34.71
C ALA A 252 -14.35 43.68 -35.58
N VAL A 253 -15.10 42.80 -36.24
CA VAL A 253 -16.21 43.25 -37.06
C VAL A 253 -17.23 43.98 -36.20
N ALA A 254 -17.52 43.44 -35.02
CA ALA A 254 -18.49 44.09 -34.15
C ALA A 254 -18.04 45.49 -33.77
N GLU A 255 -16.79 45.64 -33.37
CA GLU A 255 -16.30 46.94 -32.96
C GLU A 255 -16.29 47.91 -34.13
N GLU A 256 -15.86 47.45 -35.30
CA GLU A 256 -15.76 48.37 -36.43
C GLU A 256 -17.11 48.74 -37.00
N VAL A 257 -18.15 47.93 -36.78
CA VAL A 257 -19.47 48.33 -37.21
C VAL A 257 -20.13 49.22 -36.18
N LEU A 258 -20.03 48.87 -34.90
CA LEU A 258 -20.64 49.69 -33.88
C LEU A 258 -19.95 51.04 -33.73
N ALA A 259 -18.69 51.14 -34.17
CA ALA A 259 -18.02 52.43 -34.14
C ALA A 259 -18.43 53.34 -35.29
N ALA A 260 -18.99 52.78 -36.35
CA ALA A 260 -19.42 53.55 -37.52
C ALA A 260 -20.87 53.24 -37.83
N ILE A 261 -21.71 53.29 -36.81
CA ILE A 261 -23.08 52.82 -36.96
C ILE A 261 -23.89 53.75 -37.84
N ARG A 262 -23.63 55.06 -37.75
CA ARG A 262 -24.39 56.02 -38.54
C ARG A 262 -24.21 55.76 -40.03
N THR A 263 -22.97 55.57 -40.46
CA THR A 263 -22.72 55.21 -41.85
C THR A 263 -23.49 53.95 -42.24
N VAL A 264 -23.52 52.96 -41.35
CA VAL A 264 -24.12 51.68 -41.69
C VAL A 264 -25.62 51.82 -41.89
N ILE A 265 -26.32 52.37 -40.89
CA ILE A 265 -27.78 52.48 -41.04
C ILE A 265 -28.17 53.60 -41.98
N ALA A 266 -27.22 54.40 -42.45
CA ALA A 266 -27.50 55.34 -43.52
C ALA A 266 -27.40 54.68 -44.88
N PHE A 267 -26.43 53.81 -45.07
CA PHE A 267 -26.29 53.10 -46.33
C PHE A 267 -27.14 51.84 -46.41
N GLY A 268 -27.81 51.46 -45.31
CA GLY A 268 -28.64 50.28 -45.35
C GLY A 268 -27.87 48.98 -45.37
N GLY A 269 -26.65 48.98 -44.83
CA GLY A 269 -25.83 47.78 -44.87
C GLY A 269 -26.04 46.88 -43.67
N GLN A 270 -27.22 46.96 -43.06
CA GLN A 270 -27.50 46.12 -41.90
C GLN A 270 -27.49 44.65 -42.29
N LYS A 271 -28.20 44.29 -43.36
CA LYS A 271 -28.27 42.90 -43.79
C LYS A 271 -26.94 42.39 -44.30
N LYS A 272 -25.92 43.23 -44.43
CA LYS A 272 -24.61 42.78 -44.86
C LYS A 272 -23.61 42.70 -43.71
N GLU A 273 -23.60 43.71 -42.83
CA GLU A 273 -22.79 43.59 -41.62
C GLU A 273 -23.26 42.41 -40.78
N LEU A 274 -24.56 42.11 -40.81
CA LEU A 274 -25.02 40.93 -40.10
C LEU A 274 -24.40 39.67 -40.67
N GLU A 275 -24.27 39.59 -41.99
CA GLU A 275 -23.70 38.39 -42.60
C GLU A 275 -22.20 38.30 -42.35
N ARG A 276 -21.51 39.44 -42.33
CA ARG A 276 -20.09 39.40 -41.94
C ARG A 276 -19.94 38.86 -40.54
N TYR A 277 -20.70 39.43 -39.60
CA TYR A 277 -20.66 38.94 -38.23
C TYR A 277 -20.99 37.46 -38.17
N ASN A 278 -21.97 37.03 -38.95
CA ASN A 278 -22.37 35.62 -38.90
C ASN A 278 -21.26 34.71 -39.41
N LYS A 279 -20.63 35.09 -40.52
CA LYS A 279 -19.55 34.28 -41.06
C LYS A 279 -18.40 34.17 -40.07
N ASN A 280 -18.18 35.20 -39.26
CA ASN A 280 -17.13 35.06 -38.25
C ASN A 280 -17.60 34.30 -37.02
N LEU A 281 -18.88 34.40 -36.69
CA LEU A 281 -19.41 33.66 -35.56
C LEU A 281 -19.38 32.17 -35.83
N GLU A 282 -19.57 31.77 -37.08
CA GLU A 282 -19.46 30.36 -37.43
C GLU A 282 -18.08 29.82 -37.10
N GLU A 283 -17.03 30.56 -37.46
CA GLU A 283 -15.68 30.11 -37.18
C GLU A 283 -15.40 30.10 -35.68
N ALA A 284 -15.90 31.11 -34.96
CA ALA A 284 -15.72 31.10 -33.51
C ALA A 284 -16.40 29.89 -32.89
N LYS A 285 -17.58 29.54 -33.38
CA LYS A 285 -18.29 28.38 -32.85
C LYS A 285 -17.54 27.09 -33.18
N ARG A 286 -16.98 27.00 -34.38
CA ARG A 286 -16.25 25.78 -34.74
C ARG A 286 -15.01 25.62 -33.88
N ILE A 287 -14.29 26.71 -33.63
CA ILE A 287 -13.14 26.64 -32.75
C ILE A 287 -13.57 26.24 -31.35
N GLY A 288 -14.72 26.75 -30.89
CA GLY A 288 -15.21 26.35 -29.58
C GLY A 288 -15.57 24.88 -29.52
N ILE A 289 -16.16 24.34 -30.57
CA ILE A 289 -16.47 22.91 -30.60
C ILE A 289 -15.20 22.10 -30.58
N LYS A 290 -14.20 22.49 -31.36
CA LYS A 290 -12.95 21.75 -31.37
C LYS A 290 -12.27 21.79 -30.01
N LYS A 291 -12.33 22.94 -29.33
CA LYS A 291 -11.74 23.02 -28.01
C LYS A 291 -12.49 22.14 -27.03
N ALA A 292 -13.82 22.15 -27.10
CA ALA A 292 -14.61 21.28 -26.22
C ALA A 292 -14.29 19.82 -26.47
N ILE A 293 -13.94 19.46 -27.71
CA ILE A 293 -13.55 18.08 -27.98
C ILE A 293 -12.19 17.78 -27.37
N THR A 294 -11.18 18.58 -27.73
CA THR A 294 -9.81 18.21 -27.41
C THR A 294 -9.52 18.34 -25.93
N ALA A 295 -9.98 19.41 -25.29
CA ALA A 295 -9.72 19.59 -23.86
C ALA A 295 -10.33 18.45 -23.06
N ASN A 296 -11.57 18.08 -23.39
CA ASN A 296 -12.25 17.07 -22.62
C ASN A 296 -11.69 15.70 -22.90
N ILE A 297 -11.27 15.44 -24.14
CA ILE A 297 -10.68 14.15 -24.42
C ILE A 297 -9.34 14.03 -23.73
N SER A 298 -8.61 15.14 -23.57
CA SER A 298 -7.34 15.07 -22.85
C SER A 298 -7.56 14.83 -21.37
N ILE A 299 -8.48 15.56 -20.75
CA ILE A 299 -8.68 15.35 -19.32
C ILE A 299 -9.31 13.99 -19.05
N GLY A 300 -10.16 13.50 -19.95
CA GLY A 300 -10.67 12.15 -19.80
C GLY A 300 -9.59 11.11 -19.91
N ALA A 301 -8.63 11.31 -20.83
CA ALA A 301 -7.50 10.40 -20.92
C ALA A 301 -6.67 10.43 -19.64
N ALA A 302 -6.55 11.60 -19.03
CA ALA A 302 -5.82 11.67 -17.76
C ALA A 302 -6.53 10.88 -16.66
N PHE A 303 -7.85 11.01 -16.57
CA PHE A 303 -8.59 10.23 -15.59
C PHE A 303 -8.46 8.74 -15.86
N LEU A 304 -8.60 8.34 -17.11
CA LEU A 304 -8.44 6.94 -17.47
C LEU A 304 -7.06 6.44 -17.08
N LEU A 305 -6.04 7.26 -17.27
CA LEU A 305 -4.69 6.85 -16.94
C LEU A 305 -4.52 6.69 -15.43
N ILE A 306 -5.12 7.58 -14.65
CA ILE A 306 -5.05 7.44 -13.20
C ILE A 306 -5.67 6.12 -12.76
N TYR A 307 -6.86 5.82 -13.26
CA TYR A 307 -7.51 4.59 -12.83
C TYR A 307 -6.80 3.35 -13.35
N ALA A 308 -6.23 3.40 -14.55
CA ALA A 308 -5.42 2.29 -15.02
C ALA A 308 -4.16 2.12 -14.19
N SER A 309 -3.61 3.21 -13.67
CA SER A 309 -2.49 3.10 -12.74
C SER A 309 -2.90 2.41 -11.48
N TYR A 310 -4.08 2.72 -10.96
CA TYR A 310 -4.61 1.98 -9.82
C TYR A 310 -4.67 0.51 -10.14
N ALA A 311 -5.27 0.17 -11.29
CA ALA A 311 -5.41 -1.23 -11.66
C ALA A 311 -4.07 -1.95 -11.72
N LEU A 312 -3.11 -1.37 -12.43
CA LEU A 312 -1.82 -2.03 -12.61
C LEU A 312 -1.06 -2.14 -11.29
N ALA A 313 -0.94 -1.02 -10.58
CA ALA A 313 -0.16 -1.03 -9.34
C ALA A 313 -0.79 -1.94 -8.31
N PHE A 314 -2.12 -2.05 -8.31
CA PHE A 314 -2.73 -2.91 -7.31
C PHE A 314 -2.70 -4.36 -7.72
N TRP A 315 -2.76 -4.66 -9.01
CA TRP A 315 -2.54 -6.03 -9.43
C TRP A 315 -1.15 -6.50 -9.02
N TYR A 316 -0.14 -5.72 -9.36
CA TYR A 316 1.22 -6.11 -9.00
C TYR A 316 1.44 -6.11 -7.50
N GLY A 317 0.92 -5.12 -6.80
CA GLY A 317 1.11 -5.07 -5.36
C GLY A 317 0.42 -6.21 -4.65
N THR A 318 -0.78 -6.58 -5.09
CA THR A 318 -1.43 -7.72 -4.47
C THR A 318 -0.70 -9.01 -4.79
N THR A 319 -0.07 -9.08 -5.96
CA THR A 319 0.82 -10.21 -6.22
C THR A 319 1.94 -10.27 -5.19
N LEU A 320 2.55 -9.13 -4.92
CA LEU A 320 3.65 -9.10 -3.95
C LEU A 320 3.18 -9.36 -2.54
N VAL A 321 1.93 -9.03 -2.22
CA VAL A 321 1.42 -9.27 -0.88
C VAL A 321 1.03 -10.74 -0.72
N LEU A 322 0.49 -11.35 -1.77
CA LEU A 322 0.13 -12.75 -1.69
C LEU A 322 1.34 -13.64 -1.73
N SER A 323 2.43 -13.19 -2.33
CA SER A 323 3.65 -13.97 -2.28
C SER A 323 4.40 -13.80 -0.96
N GLY A 324 3.88 -12.98 -0.06
CA GLY A 324 4.48 -12.81 1.25
C GLY A 324 5.59 -11.79 1.32
N GLU A 325 5.89 -11.10 0.22
CA GLU A 325 7.04 -10.22 0.20
C GLU A 325 6.73 -8.81 0.68
N TYR A 326 5.52 -8.33 0.45
CA TYR A 326 5.09 -7.01 0.87
C TYR A 326 3.95 -7.15 1.86
N SER A 327 3.62 -6.04 2.50
CA SER A 327 2.39 -5.93 3.26
C SER A 327 1.48 -4.93 2.55
N ILE A 328 0.21 -4.96 2.90
CA ILE A 328 -0.73 -4.10 2.19
C ILE A 328 -0.50 -2.64 2.53
N GLY A 329 -0.07 -2.36 3.75
CA GLY A 329 0.29 -0.99 4.09
C GLY A 329 1.52 -0.52 3.34
N GLN A 330 2.48 -1.41 3.16
CA GLN A 330 3.65 -1.09 2.35
C GLN A 330 3.26 -0.75 0.92
N VAL A 331 2.35 -1.54 0.36
CA VAL A 331 1.86 -1.28 -0.99
C VAL A 331 1.20 0.10 -1.05
N LEU A 332 0.34 0.40 -0.08
CA LEU A 332 -0.34 1.68 -0.08
C LEU A 332 0.65 2.83 0.00
N THR A 333 1.61 2.75 0.92
CA THR A 333 2.63 3.78 1.05
C THR A 333 3.31 4.02 -0.28
N VAL A 334 3.89 2.97 -0.86
CA VAL A 334 4.66 3.13 -2.08
C VAL A 334 3.79 3.72 -3.18
N PHE A 335 2.60 3.15 -3.37
CA PHE A 335 1.78 3.57 -4.49
C PHE A 335 1.38 5.02 -4.36
N PHE A 336 0.83 5.42 -3.22
CA PHE A 336 0.36 6.79 -3.08
C PHE A 336 1.50 7.77 -3.13
N SER A 337 2.62 7.46 -2.49
CA SER A 337 3.78 8.34 -2.57
C SER A 337 4.21 8.59 -4.00
N VAL A 338 4.50 7.51 -4.74
CA VAL A 338 5.06 7.67 -6.06
C VAL A 338 4.04 8.30 -7.01
N LEU A 339 2.78 7.93 -6.89
CA LEU A 339 1.78 8.47 -7.80
C LEU A 339 1.55 9.95 -7.55
N ILE A 340 1.44 10.37 -6.29
CA ILE A 340 1.22 11.78 -6.02
C ILE A 340 2.45 12.60 -6.39
N GLY A 341 3.64 12.05 -6.21
CA GLY A 341 4.83 12.77 -6.65
C GLY A 341 4.87 12.95 -8.15
N ALA A 342 4.62 11.88 -8.90
CA ALA A 342 4.61 11.97 -10.34
C ALA A 342 3.56 12.95 -10.84
N PHE A 343 2.42 13.02 -10.17
CA PHE A 343 1.43 14.00 -10.60
C PHE A 343 1.85 15.42 -10.26
N SER A 344 2.51 15.62 -9.13
CA SER A 344 2.94 16.95 -8.75
C SER A 344 3.95 17.52 -9.75
N VAL A 345 4.86 16.68 -10.22
CA VAL A 345 5.78 17.14 -11.27
C VAL A 345 5.02 17.78 -12.41
N GLY A 346 4.07 17.05 -12.98
CA GLY A 346 3.29 17.63 -14.06
C GLY A 346 2.65 18.94 -13.66
N GLN A 347 2.01 18.97 -12.49
CA GLN A 347 1.36 20.19 -12.05
C GLN A 347 2.32 21.36 -11.93
N ALA A 348 3.62 21.13 -11.85
CA ALA A 348 4.56 22.23 -11.71
C ALA A 348 5.09 22.77 -13.05
N SER A 349 4.32 22.71 -14.13
CA SER A 349 4.81 23.21 -15.40
C SER A 349 4.23 24.56 -15.76
N PRO A 350 2.99 24.88 -15.41
CA PRO A 350 2.54 26.27 -15.52
C PRO A 350 3.48 27.24 -14.84
N SER A 351 4.19 26.79 -13.80
CA SER A 351 5.13 27.66 -13.12
C SER A 351 6.28 28.04 -14.04
N ILE A 352 6.78 27.09 -14.81
CA ILE A 352 7.88 27.39 -15.73
C ILE A 352 7.38 28.27 -16.86
N GLU A 353 6.20 27.98 -17.37
CA GLU A 353 5.66 28.83 -18.44
C GLU A 353 5.47 30.26 -17.94
N ALA A 354 4.97 30.42 -16.73
CA ALA A 354 4.76 31.74 -16.17
C ALA A 354 6.07 32.46 -15.92
N PHE A 355 7.10 31.75 -15.48
CA PHE A 355 8.38 32.41 -15.27
C PHE A 355 8.97 32.87 -16.59
N ALA A 356 8.85 32.07 -17.64
CA ALA A 356 9.33 32.49 -18.94
C ALA A 356 8.56 33.70 -19.44
N ASN A 357 7.23 33.71 -19.25
CA ASN A 357 6.46 34.87 -19.67
C ASN A 357 6.81 36.10 -18.87
N ALA A 358 7.12 35.95 -17.59
CA ALA A 358 7.55 37.09 -16.79
C ALA A 358 8.86 37.65 -17.31
N ARG A 359 9.83 36.78 -17.61
CA ARG A 359 11.09 37.25 -18.16
C ARG A 359 10.89 37.91 -19.50
N GLY A 360 9.91 37.45 -20.27
CA GLY A 360 9.63 38.10 -21.54
C GLY A 360 9.01 39.47 -21.35
N ALA A 361 8.07 39.60 -20.43
CA ALA A 361 7.41 40.88 -20.21
C ALA A 361 8.36 41.89 -19.57
N ALA A 362 9.29 41.44 -18.75
CA ALA A 362 10.20 42.37 -18.11
C ALA A 362 11.18 43.01 -19.07
N TYR A 363 11.31 42.47 -20.28
CA TYR A 363 12.33 42.98 -21.21
C TYR A 363 12.03 44.41 -21.63
N GLU A 364 10.84 44.64 -22.19
CA GLU A 364 10.46 45.99 -22.61
C GLU A 364 10.54 46.96 -21.45
N ILE A 365 10.00 46.57 -20.31
CA ILE A 365 9.94 47.45 -19.14
C ILE A 365 11.34 47.83 -18.68
N PHE A 366 12.21 46.84 -18.53
CA PHE A 366 13.54 47.15 -18.04
C PHE A 366 14.34 47.93 -19.06
N LYS A 367 14.10 47.72 -20.35
CA LYS A 367 14.76 48.55 -21.36
C LYS A 367 14.36 50.01 -21.21
N ILE A 368 13.06 50.27 -21.12
CA ILE A 368 12.59 51.63 -20.94
C ILE A 368 13.15 52.23 -19.67
N ILE A 369 13.16 51.46 -18.58
CA ILE A 369 13.66 51.97 -17.31
C ILE A 369 15.14 52.28 -17.41
N ASP A 370 15.88 51.52 -18.21
CA ASP A 370 17.32 51.72 -18.24
C ASP A 370 17.73 52.86 -19.16
N ASN A 371 17.03 53.06 -20.27
CA ASN A 371 17.45 54.07 -21.23
C ASN A 371 17.35 55.48 -20.67
N SER A 696 -35.60 35.41 -14.44
CA SER A 696 -36.31 34.17 -14.21
C SER A 696 -35.57 32.97 -14.76
N PHE A 697 -35.24 32.00 -13.90
CA PHE A 697 -34.45 30.87 -14.33
C PHE A 697 -35.19 30.01 -15.34
N TRP A 698 -36.50 30.16 -15.44
CA TRP A 698 -37.26 29.36 -16.41
C TRP A 698 -37.22 30.02 -17.78
N ARG A 699 -37.19 31.35 -17.82
CA ARG A 699 -37.06 32.03 -19.10
C ARG A 699 -35.64 31.88 -19.64
N ILE A 700 -34.65 31.88 -18.76
CA ILE A 700 -33.27 31.70 -19.20
C ILE A 700 -33.08 30.31 -19.80
N MET A 701 -33.57 29.28 -19.12
CA MET A 701 -33.46 27.93 -19.65
C MET A 701 -34.16 27.80 -20.99
N LYS A 702 -35.30 28.48 -21.14
CA LYS A 702 -36.02 28.41 -22.40
C LYS A 702 -35.22 29.01 -23.55
N LEU A 703 -34.13 29.73 -23.26
CA LEU A 703 -33.26 30.20 -24.31
C LEU A 703 -32.57 29.05 -25.01
N ASN A 704 -32.19 28.03 -24.25
CA ASN A 704 -31.37 26.94 -24.75
C ASN A 704 -32.20 25.68 -24.94
N LEU A 705 -33.45 25.85 -25.36
CA LEU A 705 -34.38 24.73 -25.29
C LEU A 705 -34.23 23.78 -26.47
N THR A 706 -33.80 24.26 -27.61
CA THR A 706 -33.67 23.37 -28.75
C THR A 706 -32.51 22.41 -28.62
N GLU A 707 -31.78 22.45 -27.51
CA GLU A 707 -30.63 21.59 -27.28
C GLU A 707 -30.91 20.56 -26.20
N TRP A 708 -32.17 20.21 -26.02
CA TRP A 708 -32.52 19.23 -25.01
C TRP A 708 -31.89 17.86 -25.27
N PRO A 709 -31.59 17.44 -26.50
CA PRO A 709 -30.85 16.18 -26.64
C PRO A 709 -29.48 16.25 -26.00
N TYR A 710 -28.74 17.31 -26.29
CA TYR A 710 -27.44 17.50 -25.64
C TYR A 710 -27.60 17.54 -24.14
N PHE A 711 -28.65 18.16 -23.65
CA PHE A 711 -28.78 18.27 -22.20
C PHE A 711 -29.14 16.94 -21.56
N VAL A 712 -29.97 16.13 -22.23
CA VAL A 712 -30.29 14.81 -21.72
C VAL A 712 -29.03 13.96 -21.63
N VAL A 713 -28.27 13.90 -22.72
CA VAL A 713 -27.07 13.09 -22.71
C VAL A 713 -26.07 13.62 -21.69
N GLY A 714 -25.95 14.94 -21.58
CA GLY A 714 -25.00 15.49 -20.64
C GLY A 714 -25.37 15.26 -19.20
N VAL A 715 -26.65 15.30 -18.88
CA VAL A 715 -27.06 15.07 -17.50
C VAL A 715 -26.91 13.61 -17.14
N PHE A 716 -27.24 12.71 -18.06
CA PHE A 716 -26.96 11.30 -17.83
C PHE A 716 -25.48 11.07 -17.57
N CYS A 717 -24.64 11.62 -18.43
CA CYS A 717 -23.20 11.43 -18.26
C CYS A 717 -22.69 12.10 -17.00
N ALA A 718 -23.33 13.18 -16.55
CA ALA A 718 -22.90 13.82 -15.32
C ALA A 718 -23.27 13.01 -14.10
N ILE A 719 -24.43 12.34 -14.15
CA ILE A 719 -24.77 11.39 -13.09
C ILE A 719 -23.74 10.26 -13.03
N ILE A 720 -23.44 9.67 -14.18
CA ILE A 720 -22.49 8.57 -14.20
C ILE A 720 -21.10 9.05 -13.81
N ASN A 721 -20.76 10.30 -14.10
CA ASN A 721 -19.45 10.82 -13.76
C ASN A 721 -19.32 11.11 -12.28
N GLY A 722 -20.34 11.72 -11.67
CA GLY A 722 -20.32 11.93 -10.25
C GLY A 722 -20.34 10.64 -9.47
N GLY A 723 -21.05 9.64 -9.98
CA GLY A 723 -21.15 8.39 -9.27
C GLY A 723 -19.91 7.53 -9.34
N LEU A 724 -18.82 8.06 -9.89
CA LEU A 724 -17.59 7.31 -9.95
C LEU A 724 -16.75 7.45 -8.68
N GLN A 725 -16.99 8.45 -7.89
CA GLN A 725 -16.24 8.57 -6.65
C GLN A 725 -16.74 7.57 -5.61
N PRO A 726 -18.05 7.40 -5.42
CA PRO A 726 -18.49 6.33 -4.51
C PRO A 726 -18.25 4.94 -5.06
N ALA A 727 -18.29 4.75 -6.38
CA ALA A 727 -17.92 3.47 -6.94
C ALA A 727 -16.46 3.15 -6.66
N PHE A 728 -15.59 4.15 -6.79
CA PHE A 728 -14.20 3.95 -6.44
C PHE A 728 -14.04 3.67 -4.96
N ALA A 729 -14.78 4.38 -4.11
CA ALA A 729 -14.72 4.12 -2.68
C ALA A 729 -15.05 2.67 -2.39
N ILE A 730 -16.09 2.15 -3.02
CA ILE A 730 -16.48 0.76 -2.79
C ILE A 730 -15.37 -0.18 -3.26
N ILE A 731 -14.90 0.00 -4.48
CA ILE A 731 -13.91 -0.92 -5.04
C ILE A 731 -12.61 -0.88 -4.24
N PHE A 732 -12.18 0.31 -3.87
CA PHE A 732 -10.95 0.48 -3.11
C PHE A 732 -11.05 -0.16 -1.74
N SER A 733 -12.13 0.16 -1.01
CA SER A 733 -12.30 -0.43 0.30
C SER A 733 -12.38 -1.94 0.22
N LYS A 734 -12.98 -2.47 -0.85
CA LYS A 734 -13.11 -3.92 -0.95
C LYS A 734 -11.77 -4.58 -1.25
N ILE A 735 -10.98 -4.01 -2.17
CA ILE A 735 -9.71 -4.63 -2.46
C ILE A 735 -8.77 -4.53 -1.28
N ILE A 736 -8.91 -3.52 -0.43
CA ILE A 736 -8.04 -3.50 0.74
C ILE A 736 -8.58 -4.37 1.85
N GLY A 737 -9.90 -4.47 2.00
CA GLY A 737 -10.46 -5.37 2.98
C GLY A 737 -10.27 -6.82 2.63
N VAL A 738 -9.92 -7.12 1.37
CA VAL A 738 -9.51 -8.48 1.05
C VAL A 738 -8.29 -8.86 1.86
N PHE A 739 -7.46 -7.89 2.20
CA PHE A 739 -6.21 -8.14 2.90
C PHE A 739 -6.28 -7.81 4.37
N THR A 740 -7.47 -7.62 4.91
CA THR A 740 -7.64 -7.41 6.34
C THR A 740 -8.43 -8.53 6.99
N ARG A 741 -8.55 -9.67 6.32
CA ARG A 741 -9.10 -10.86 6.93
C ARG A 741 -8.57 -12.06 6.16
N ILE A 742 -8.51 -13.20 6.82
CA ILE A 742 -7.86 -14.35 6.23
C ILE A 742 -8.83 -15.08 5.31
N ASP A 743 -8.27 -15.73 4.30
CA ASP A 743 -9.05 -16.48 3.33
C ASP A 743 -8.09 -17.33 2.53
N ASP A 744 -8.66 -18.24 1.74
CA ASP A 744 -7.85 -19.13 0.94
C ASP A 744 -7.01 -18.33 -0.06
N PRO A 745 -5.76 -18.72 -0.30
CA PRO A 745 -4.93 -17.95 -1.23
C PRO A 745 -5.50 -17.89 -2.64
N GLU A 746 -6.15 -18.94 -3.11
CA GLU A 746 -6.76 -18.89 -4.43
C GLU A 746 -7.93 -17.91 -4.47
N THR A 747 -8.75 -17.90 -3.42
CA THR A 747 -9.85 -16.95 -3.36
C THR A 747 -9.34 -15.52 -3.29
N LYS A 748 -8.25 -15.30 -2.55
CA LYS A 748 -7.68 -13.97 -2.48
C LYS A 748 -7.12 -13.52 -3.82
N ARG A 749 -6.46 -14.42 -4.55
CA ARG A 749 -5.99 -14.07 -5.87
C ARG A 749 -7.14 -13.73 -6.80
N GLN A 750 -8.22 -14.50 -6.74
CA GLN A 750 -9.37 -14.23 -7.60
C GLN A 750 -9.99 -12.87 -7.29
N ASN A 751 -10.17 -12.56 -6.01
CA ASN A 751 -10.76 -11.29 -5.65
C ASN A 751 -9.86 -10.13 -6.03
N SER A 752 -8.55 -10.28 -5.86
CA SER A 752 -7.64 -9.21 -6.25
C SER A 752 -7.68 -8.97 -7.75
N ASN A 753 -7.70 -10.05 -8.53
CA ASN A 753 -7.82 -9.89 -9.97
C ASN A 753 -9.11 -9.19 -10.34
N LEU A 754 -10.22 -9.58 -9.71
CA LEU A 754 -11.49 -8.94 -10.01
C LEU A 754 -11.45 -7.46 -9.72
N PHE A 755 -10.89 -7.06 -8.59
CA PHE A 755 -10.94 -5.65 -8.23
C PHE A 755 -9.95 -4.83 -9.05
N SER A 756 -8.84 -5.41 -9.49
CA SER A 756 -8.00 -4.69 -10.44
C SER A 756 -8.73 -4.48 -11.76
N LEU A 757 -9.41 -5.51 -12.26
CA LEU A 757 -10.22 -5.34 -13.45
C LEU A 757 -11.28 -4.26 -13.26
N LEU A 758 -11.85 -4.18 -12.06
CA LEU A 758 -12.87 -3.18 -11.83
C LEU A 758 -12.29 -1.77 -11.82
N PHE A 759 -11.05 -1.62 -11.34
CA PHE A 759 -10.37 -0.34 -11.49
C PHE A 759 -10.24 0.03 -12.96
N LEU A 760 -9.88 -0.93 -13.79
CA LEU A 760 -9.74 -0.62 -15.22
C LEU A 760 -11.08 -0.25 -15.85
N ALA A 761 -12.14 -0.96 -15.48
CA ALA A 761 -13.46 -0.64 -16.00
C ALA A 761 -13.91 0.74 -15.56
N LEU A 762 -13.62 1.10 -14.31
CA LEU A 762 -13.87 2.45 -13.83
C LEU A 762 -13.15 3.47 -14.69
N GLY A 763 -11.90 3.19 -15.03
CA GLY A 763 -11.16 4.12 -15.86
C GLY A 763 -11.77 4.31 -17.24
N ILE A 764 -12.19 3.21 -17.85
CA ILE A 764 -12.80 3.31 -19.18
C ILE A 764 -14.10 4.08 -19.12
N ILE A 765 -14.95 3.77 -18.14
CA ILE A 765 -16.20 4.48 -17.99
C ILE A 765 -15.96 5.96 -17.74
N SER A 766 -14.98 6.28 -16.91
CA SER A 766 -14.73 7.68 -16.61
C SER A 766 -14.26 8.42 -17.84
N PHE A 767 -13.38 7.80 -18.62
CA PHE A 767 -12.97 8.41 -19.87
C PHE A 767 -14.16 8.74 -20.74
N ILE A 768 -15.02 7.74 -20.98
CA ILE A 768 -16.13 7.94 -21.90
C ILE A 768 -17.10 8.99 -21.37
N THR A 769 -17.54 8.85 -20.12
CA THR A 769 -18.56 9.75 -19.61
C THR A 769 -18.01 11.16 -19.42
N PHE A 770 -16.76 11.30 -18.98
CA PHE A 770 -16.18 12.62 -18.87
C PHE A 770 -16.15 13.30 -20.22
N PHE A 771 -15.68 12.59 -21.24
CA PHE A 771 -15.66 13.18 -22.56
C PHE A 771 -17.06 13.58 -22.99
N LEU A 772 -18.04 12.69 -22.82
CA LEU A 772 -19.36 12.96 -23.34
C LEU A 772 -20.03 14.12 -22.63
N GLN A 773 -19.91 14.14 -21.31
CA GLN A 773 -20.46 15.27 -20.55
C GLN A 773 -19.85 16.58 -21.01
N GLY A 774 -18.52 16.65 -21.04
CA GLY A 774 -17.88 17.87 -21.50
C GLY A 774 -18.28 18.25 -22.90
N PHE A 775 -18.34 17.28 -23.80
CA PHE A 775 -18.61 17.57 -25.20
C PHE A 775 -20.04 18.05 -25.41
N THR A 776 -21.02 17.35 -24.84
CA THR A 776 -22.40 17.74 -25.04
C THR A 776 -22.69 19.09 -24.41
N PHE A 777 -22.21 19.32 -23.19
CA PHE A 777 -22.48 20.61 -22.58
C PHE A 777 -21.73 21.73 -23.29
N GLY A 778 -20.52 21.46 -23.77
CA GLY A 778 -19.79 22.48 -24.49
C GLY A 778 -20.41 22.80 -25.84
N LYS A 779 -20.92 21.79 -26.53
CA LYS A 779 -21.58 22.04 -27.80
C LYS A 779 -22.89 22.79 -27.62
N ALA A 780 -23.65 22.45 -26.59
CA ALA A 780 -24.86 23.22 -26.32
C ALA A 780 -24.52 24.65 -25.96
N GLY A 781 -23.45 24.85 -25.19
CA GLY A 781 -23.05 26.21 -24.85
C GLY A 781 -22.60 27.00 -26.04
N GLU A 782 -21.90 26.36 -26.98
CA GLU A 782 -21.47 27.05 -28.18
C GLU A 782 -22.65 27.42 -29.05
N ILE A 783 -23.59 26.50 -29.24
CA ILE A 783 -24.78 26.80 -30.03
C ILE A 783 -25.53 27.97 -29.42
N LEU A 784 -25.71 27.95 -28.10
CA LEU A 784 -26.42 29.03 -27.45
C LEU A 784 -25.67 30.35 -27.57
N THR A 785 -24.34 30.33 -27.42
CA THR A 785 -23.59 31.57 -27.50
C THR A 785 -23.67 32.16 -28.89
N LYS A 786 -23.54 31.33 -29.92
CA LYS A 786 -23.64 31.85 -31.28
C LYS A 786 -25.02 32.42 -31.54
N ARG A 787 -26.06 31.71 -31.12
CA ARG A 787 -27.41 32.23 -31.32
C ARG A 787 -27.63 33.54 -30.60
N LEU A 788 -27.15 33.64 -29.37
CA LEU A 788 -27.37 34.86 -28.61
C LEU A 788 -26.62 36.03 -29.22
N ARG A 789 -25.36 35.81 -29.59
CA ARG A 789 -24.62 36.87 -30.26
C ARG A 789 -25.33 37.30 -31.54
N TYR A 790 -25.85 36.34 -32.29
CA TYR A 790 -26.49 36.67 -33.56
C TYR A 790 -27.74 37.51 -33.35
N MET A 791 -28.65 37.08 -32.48
CA MET A 791 -29.87 37.86 -32.34
C MET A 791 -29.64 39.15 -31.55
N VAL A 792 -28.62 39.21 -30.71
CA VAL A 792 -28.28 40.47 -30.08
C VAL A 792 -27.81 41.46 -31.13
N PHE A 793 -26.91 41.04 -32.01
CA PHE A 793 -26.46 41.92 -33.09
C PHE A 793 -27.61 42.31 -34.00
N ARG A 794 -28.51 41.38 -34.29
CA ARG A 794 -29.62 41.69 -35.17
C ARG A 794 -30.53 42.74 -34.54
N SER A 795 -30.70 42.69 -33.22
CA SER A 795 -31.54 43.68 -32.58
C SER A 795 -30.83 45.02 -32.44
N MET A 796 -29.51 45.02 -32.27
CA MET A 796 -28.80 46.29 -32.27
C MET A 796 -28.82 46.92 -33.66
N LEU A 797 -28.83 46.10 -34.71
CA LEU A 797 -28.88 46.67 -36.04
C LEU A 797 -30.29 47.14 -36.40
N ARG A 798 -31.32 46.48 -35.87
CA ARG A 798 -32.68 46.94 -36.07
C ARG A 798 -33.09 48.04 -35.10
N GLN A 799 -32.14 48.86 -34.66
CA GLN A 799 -32.45 49.99 -33.80
C GLN A 799 -32.65 51.25 -34.61
N ASN A 809 -25.42 53.34 -23.93
CA ASN A 809 -25.29 52.44 -25.07
C ASN A 809 -24.03 52.74 -25.85
N THR A 810 -22.95 53.05 -25.15
CA THR A 810 -21.70 53.32 -25.83
C THR A 810 -21.17 52.07 -26.52
N THR A 811 -20.29 52.29 -27.50
CA THR A 811 -19.78 51.17 -28.28
C THR A 811 -18.96 50.21 -27.43
N GLY A 812 -18.29 50.72 -26.40
CA GLY A 812 -17.59 49.83 -25.49
C GLY A 812 -18.55 48.92 -24.75
N ALA A 813 -19.63 49.50 -24.22
CA ALA A 813 -20.62 48.69 -23.52
C ALA A 813 -21.25 47.66 -24.44
N LEU A 814 -21.49 48.04 -25.69
CA LEU A 814 -22.13 47.09 -26.61
C LEU A 814 -21.17 45.97 -27.00
N THR A 815 -19.90 46.30 -27.25
CA THR A 815 -18.95 45.25 -27.54
C THR A 815 -18.78 44.32 -26.35
N THR A 816 -18.86 44.85 -25.13
CA THR A 816 -18.79 43.96 -23.97
C THR A 816 -20.04 43.09 -23.88
N ARG A 817 -21.20 43.65 -24.19
CA ARG A 817 -22.41 42.83 -24.18
C ARG A 817 -22.33 41.70 -25.18
N LEU A 818 -21.67 41.92 -26.30
CA LEU A 818 -21.56 40.86 -27.30
C LEU A 818 -20.47 39.86 -26.95
N ALA A 819 -19.35 40.33 -26.41
CA ALA A 819 -18.21 39.46 -26.18
C ALA A 819 -18.34 38.67 -24.90
N ASN A 820 -18.88 39.27 -23.84
CA ASN A 820 -18.94 38.65 -22.53
C ASN A 820 -20.34 38.24 -22.13
N ASP A 821 -21.29 39.18 -22.17
CA ASP A 821 -22.63 38.86 -21.67
C ASP A 821 -23.25 37.71 -22.43
N ALA A 822 -23.01 37.63 -23.73
CA ALA A 822 -23.59 36.52 -24.48
C ALA A 822 -22.85 35.22 -24.20
N ALA A 823 -21.57 35.30 -23.86
CA ALA A 823 -20.77 34.12 -23.59
C ALA A 823 -20.93 33.61 -22.16
N GLN A 824 -21.72 34.29 -21.33
CA GLN A 824 -21.91 33.87 -19.95
C GLN A 824 -23.31 33.41 -19.66
N VAL A 825 -24.24 33.52 -20.60
CA VAL A 825 -25.58 33.00 -20.35
C VAL A 825 -25.54 31.49 -20.21
N LYS A 826 -24.61 30.83 -20.88
CA LYS A 826 -24.48 29.38 -20.71
C LYS A 826 -24.08 29.02 -19.28
N GLY A 827 -23.39 29.92 -18.59
CA GLY A 827 -23.01 29.65 -17.22
C GLY A 827 -24.19 29.51 -16.28
N ALA A 828 -25.35 30.01 -16.68
CA ALA A 828 -26.55 29.91 -15.88
C ALA A 828 -27.43 28.73 -16.29
N ILE A 829 -26.98 27.93 -17.23
CA ILE A 829 -27.77 26.81 -17.71
C ILE A 829 -26.94 25.54 -17.66
N GLY A 830 -26.13 25.30 -18.70
CA GLY A 830 -25.41 24.05 -18.79
C GLY A 830 -24.40 23.85 -17.70
N SER A 831 -23.65 24.91 -17.36
CA SER A 831 -22.63 24.78 -16.33
C SER A 831 -23.26 24.52 -14.97
N ARG A 832 -24.31 25.27 -14.65
CA ARG A 832 -25.01 25.06 -13.39
C ARG A 832 -25.58 23.64 -13.31
N LEU A 833 -26.24 23.20 -14.38
CA LEU A 833 -26.80 21.86 -14.43
C LEU A 833 -25.73 20.80 -14.21
N ALA A 834 -24.63 20.91 -14.95
CA ALA A 834 -23.58 19.90 -14.86
C ALA A 834 -22.99 19.86 -13.46
N VAL A 835 -22.64 21.01 -12.92
CA VAL A 835 -22.01 21.05 -11.60
C VAL A 835 -22.94 20.45 -10.57
N ILE A 836 -24.20 20.85 -10.56
CA ILE A 836 -25.10 20.39 -9.51
C ILE A 836 -25.38 18.90 -9.66
N THR A 837 -25.61 18.43 -10.88
CA THR A 837 -25.87 17.01 -11.07
C THR A 837 -24.69 16.16 -10.64
N GLN A 838 -23.48 16.57 -11.02
CA GLN A 838 -22.30 15.81 -10.65
C GLN A 838 -22.11 15.80 -9.15
N ASN A 839 -22.27 16.95 -8.51
CA ASN A 839 -22.04 17.02 -7.07
C ASN A 839 -23.08 16.21 -6.31
N ILE A 840 -24.32 16.20 -6.78
CA ILE A 840 -25.32 15.36 -6.13
C ILE A 840 -24.97 13.89 -6.29
N ALA A 841 -24.78 13.44 -7.53
CA ALA A 841 -24.46 12.05 -7.76
C ALA A 841 -23.21 11.61 -7.03
N ASN A 842 -22.32 12.54 -6.70
CA ASN A 842 -21.10 12.18 -5.97
C ASN A 842 -21.37 12.17 -4.48
N LEU A 843 -21.59 13.33 -3.88
CA LEU A 843 -21.64 13.39 -2.43
C LEU A 843 -22.93 12.80 -1.87
N GLY A 844 -24.06 12.95 -2.54
CA GLY A 844 -25.28 12.37 -2.02
C GLY A 844 -25.20 10.85 -1.97
N THR A 845 -24.74 10.23 -3.05
CA THR A 845 -24.55 8.80 -3.06
C THR A 845 -23.51 8.36 -2.03
N GLY A 846 -22.41 9.10 -1.93
CA GLY A 846 -21.41 8.77 -0.95
C GLY A 846 -21.95 8.79 0.45
N ILE A 847 -22.72 9.82 0.79
CA ILE A 847 -23.24 9.95 2.14
C ILE A 847 -24.29 8.89 2.42
N ILE A 848 -25.08 8.51 1.41
CA ILE A 848 -26.07 7.47 1.63
C ILE A 848 -25.40 6.13 1.92
N ILE A 849 -24.47 5.71 1.04
CA ILE A 849 -23.84 4.42 1.29
C ILE A 849 -22.98 4.46 2.52
N SER A 850 -22.49 5.64 2.90
CA SER A 850 -21.73 5.75 4.13
C SER A 850 -22.62 5.60 5.35
N PHE A 851 -23.83 6.14 5.30
CA PHE A 851 -24.77 5.93 6.39
C PHE A 851 -25.16 4.47 6.50
N ILE A 852 -25.25 3.77 5.37
CA ILE A 852 -25.56 2.35 5.43
C ILE A 852 -24.41 1.59 6.09
N TYR A 853 -23.18 1.89 5.71
CA TYR A 853 -22.07 1.05 6.17
C TYR A 853 -21.61 1.41 7.58
N GLY A 854 -21.56 2.70 7.89
CA GLY A 854 -21.15 3.12 9.21
C GLY A 854 -21.69 4.48 9.60
N TRP A 855 -22.82 4.49 10.29
CA TRP A 855 -23.51 5.77 10.50
C TRP A 855 -22.82 6.61 11.56
N GLN A 856 -22.17 5.99 12.54
CA GLN A 856 -21.49 6.77 13.56
C GLN A 856 -20.32 7.55 12.96
N LEU A 857 -19.50 6.87 12.17
CA LEU A 857 -18.40 7.56 11.51
C LEU A 857 -18.91 8.56 10.49
N THR A 858 -20.01 8.25 9.79
CA THR A 858 -20.56 9.21 8.85
C THR A 858 -21.01 10.47 9.56
N LEU A 859 -21.64 10.33 10.71
CA LEU A 859 -22.07 11.48 11.47
C LEU A 859 -20.88 12.31 11.92
N LEU A 860 -19.79 11.65 12.34
CA LEU A 860 -18.62 12.42 12.72
C LEU A 860 -18.04 13.18 11.54
N LEU A 861 -17.91 12.53 10.39
CA LEU A 861 -17.27 13.17 9.25
C LEU A 861 -18.15 14.21 8.59
N LEU A 862 -19.47 14.14 8.78
CA LEU A 862 -20.33 15.17 8.23
C LEU A 862 -20.04 16.53 8.84
N ALA A 863 -19.52 16.58 10.05
CA ALA A 863 -19.21 17.87 10.67
C ALA A 863 -18.10 18.58 9.93
N ILE A 864 -17.20 17.85 9.29
CA ILE A 864 -16.07 18.44 8.60
C ILE A 864 -16.22 18.41 7.09
N VAL A 865 -17.25 17.76 6.57
CA VAL A 865 -17.53 17.85 5.14
C VAL A 865 -17.47 19.28 4.60
N PRO A 866 -18.11 20.27 5.22
CA PRO A 866 -18.02 21.63 4.66
C PRO A 866 -16.60 22.15 4.56
N ILE A 867 -15.77 21.86 5.56
CA ILE A 867 -14.40 22.36 5.53
C ILE A 867 -13.58 21.63 4.50
N ILE A 868 -13.85 20.34 4.27
CA ILE A 868 -13.10 19.62 3.24
C ILE A 868 -13.49 20.11 1.85
N ALA A 869 -14.77 20.38 1.63
CA ALA A 869 -15.19 20.94 0.36
C ALA A 869 -14.57 22.31 0.13
N ILE A 870 -14.58 23.15 1.16
CA ILE A 870 -13.95 24.46 1.02
C ILE A 870 -12.46 24.34 0.84
N ALA A 871 -11.84 23.31 1.42
CA ALA A 871 -10.43 23.07 1.19
C ALA A 871 -10.16 22.77 -0.27
N GLY A 872 -10.99 21.93 -0.89
CA GLY A 872 -10.84 21.67 -2.31
C GLY A 872 -11.02 22.92 -3.15
N VAL A 873 -12.03 23.72 -2.82
CA VAL A 873 -12.27 24.96 -3.56
C VAL A 873 -11.05 25.88 -3.45
N VAL A 874 -10.55 26.07 -2.24
CA VAL A 874 -9.44 26.96 -2.01
C VAL A 874 -8.18 26.45 -2.69
N GLU A 875 -8.01 25.14 -2.72
CA GLU A 875 -6.81 24.60 -3.35
C GLU A 875 -6.85 24.81 -4.85
N MET A 876 -8.00 24.63 -5.48
CA MET A 876 -8.05 24.86 -6.91
C MET A 876 -7.94 26.35 -7.23
N LYS A 877 -8.49 27.21 -6.37
CA LYS A 877 -8.31 28.65 -6.57
C LYS A 877 -6.86 29.04 -6.40
N MET A 878 -6.14 28.36 -5.53
CA MET A 878 -4.75 28.70 -5.29
C MET A 878 -3.90 28.26 -6.47
N LEU A 879 -4.18 27.07 -7.00
CA LEU A 879 -3.48 26.61 -8.19
C LEU A 879 -3.76 27.50 -9.39
N SER A 880 -5.01 27.92 -9.56
CA SER A 880 -5.35 28.73 -10.72
C SER A 880 -4.80 30.15 -10.64
N GLY A 881 -4.20 30.53 -9.52
CA GLY A 881 -3.73 31.90 -9.39
C GLY A 881 -4.81 32.95 -9.28
N GLN A 882 -6.06 32.54 -9.15
CA GLN A 882 -7.16 33.50 -9.01
C GLN A 882 -7.22 34.06 -7.60
N LYS A 888 -8.60 45.45 -10.76
CA LYS A 888 -9.77 46.29 -10.51
C LYS A 888 -9.44 47.42 -9.53
N GLU A 889 -8.71 47.08 -8.46
CA GLU A 889 -8.31 48.10 -7.50
C GLU A 889 -7.24 49.03 -8.05
N LEU A 890 -6.68 48.73 -9.23
CA LEU A 890 -5.71 49.60 -9.88
C LEU A 890 -6.35 50.52 -10.91
N GLU A 891 -7.63 50.32 -11.23
CA GLU A 891 -8.28 51.16 -12.23
C GLU A 891 -8.27 52.63 -11.81
N GLY A 892 -8.38 52.90 -10.51
CA GLY A 892 -8.31 54.29 -10.06
C GLY A 892 -6.99 54.94 -10.39
N SER A 893 -5.89 54.22 -10.18
CA SER A 893 -4.58 54.77 -10.49
C SER A 893 -4.25 54.69 -11.97
N GLY A 894 -5.07 54.02 -12.77
CA GLY A 894 -4.84 54.02 -14.20
C GLY A 894 -5.17 55.33 -14.86
N LYS A 895 -5.91 56.20 -14.17
CA LYS A 895 -6.26 57.49 -14.76
C LYS A 895 -5.07 58.44 -14.73
N ILE A 896 -4.35 58.49 -13.62
CA ILE A 896 -3.18 59.36 -13.53
C ILE A 896 -2.12 58.94 -14.54
N ALA A 897 -2.06 57.65 -14.87
CA ALA A 897 -1.11 57.20 -15.87
C ALA A 897 -1.63 57.44 -17.27
N THR A 898 -2.93 57.24 -17.49
CA THR A 898 -3.50 57.47 -18.81
C THR A 898 -3.41 58.93 -19.21
N GLU A 899 -3.57 59.84 -18.24
CA GLU A 899 -3.48 61.26 -18.54
C GLU A 899 -2.10 61.61 -19.07
N ALA A 900 -1.05 61.25 -18.34
CA ALA A 900 0.30 61.55 -18.77
C ALA A 900 0.79 60.56 -19.81
N GLU A 913 5.40 67.02 -14.00
CA GLU A 913 6.03 65.72 -14.22
C GLU A 913 6.29 65.02 -12.90
N GLN A 914 7.16 65.61 -12.09
CA GLN A 914 7.34 65.09 -10.73
C GLN A 914 6.03 65.09 -9.98
N LYS A 915 5.18 66.07 -10.23
CA LYS A 915 3.89 66.13 -9.55
C LYS A 915 2.97 65.00 -10.02
N PHE A 916 2.97 64.70 -11.31
CA PHE A 916 2.14 63.61 -11.80
C PHE A 916 2.62 62.28 -11.24
N GLU A 917 3.93 62.08 -11.19
CA GLU A 917 4.43 60.83 -10.64
C GLU A 917 4.18 60.73 -9.14
N HIS A 918 4.19 61.87 -8.44
CA HIS A 918 3.85 61.85 -7.02
C HIS A 918 2.38 61.55 -6.80
N MET A 919 1.51 62.08 -7.64
CA MET A 919 0.10 61.74 -7.55
C MET A 919 -0.12 60.26 -7.81
N TYR A 920 0.62 59.70 -8.77
CA TYR A 920 0.52 58.27 -9.06
C TYR A 920 0.99 57.44 -7.87
N ALA A 921 2.13 57.81 -7.29
CA ALA A 921 2.65 57.10 -6.13
C ALA A 921 1.63 57.13 -4.99
N GLN A 922 1.01 58.28 -4.75
CA GLN A 922 0.02 58.35 -3.68
C GLN A 922 -1.22 57.54 -4.02
N SER A 923 -1.57 57.47 -5.30
CA SER A 923 -2.73 56.67 -5.69
C SER A 923 -2.50 55.19 -5.48
N LEU A 924 -1.25 54.74 -5.58
CA LEU A 924 -0.95 53.32 -5.44
C LEU A 924 -1.03 52.81 -4.00
N GLN A 925 -1.13 53.71 -3.01
CA GLN A 925 -0.96 53.30 -1.62
C GLN A 925 -2.06 52.36 -1.15
N VAL A 926 -3.30 52.66 -1.49
CA VAL A 926 -4.42 51.84 -1.01
C VAL A 926 -4.35 50.44 -1.62
N PRO A 927 -4.20 50.28 -2.94
CA PRO A 927 -4.06 48.91 -3.46
C PRO A 927 -2.81 48.21 -2.97
N TYR A 928 -1.73 48.94 -2.72
CA TYR A 928 -0.56 48.33 -2.12
C TYR A 928 -0.88 47.70 -0.78
N ARG A 929 -1.50 48.47 0.12
CA ARG A 929 -1.82 47.94 1.43
C ARG A 929 -2.83 46.82 1.33
N ASN A 930 -3.77 46.92 0.38
CA ASN A 930 -4.75 45.85 0.22
C ASN A 930 -4.09 44.55 -0.20
N SER A 931 -3.13 44.63 -1.10
CA SER A 931 -2.43 43.41 -1.52
C SER A 931 -1.58 42.85 -0.39
N LEU A 932 -0.93 43.73 0.39
CA LEU A 932 -0.14 43.24 1.50
C LEU A 932 -1.00 42.57 2.56
N ARG A 933 -2.25 43.00 2.70
CA ARG A 933 -3.15 42.34 3.64
C ARG A 933 -3.70 41.04 3.05
N LYS A 934 -4.03 41.05 1.76
CA LYS A 934 -4.55 39.85 1.12
C LYS A 934 -3.52 38.75 1.13
N ALA A 935 -2.23 39.10 1.08
CA ALA A 935 -1.18 38.09 1.18
C ALA A 935 -1.35 37.27 2.45
N HIS A 936 -1.43 37.94 3.60
CA HIS A 936 -1.60 37.24 4.87
C HIS A 936 -2.93 36.50 4.92
N ILE A 937 -4.00 37.15 4.48
CA ILE A 937 -5.32 36.55 4.59
C ILE A 937 -5.38 35.25 3.79
N PHE A 938 -4.91 35.28 2.56
CA PHE A 938 -4.95 34.08 1.76
C PHE A 938 -3.96 33.04 2.24
N GLY A 939 -2.78 33.45 2.73
CA GLY A 939 -1.87 32.48 3.27
C GLY A 939 -2.50 31.69 4.39
N ILE A 940 -3.18 32.38 5.30
CA ILE A 940 -3.76 31.69 6.44
C ILE A 940 -4.95 30.84 6.00
N THR A 941 -5.76 31.34 5.07
CA THR A 941 -6.88 30.55 4.57
C THR A 941 -6.39 29.26 3.94
N PHE A 942 -5.45 29.37 3.02
CA PHE A 942 -4.90 28.21 2.35
C PHE A 942 -4.27 27.24 3.34
N SER A 943 -3.47 27.73 4.27
CA SER A 943 -2.80 26.82 5.19
C SER A 943 -3.78 26.10 6.09
N PHE A 944 -4.81 26.79 6.56
CA PHE A 944 -5.78 26.14 7.42
C PHE A 944 -6.58 25.09 6.68
N THR A 945 -7.02 25.40 5.46
CA THR A 945 -7.75 24.39 4.71
C THR A 945 -6.86 23.23 4.29
N GLN A 946 -5.57 23.47 4.11
CA GLN A 946 -4.68 22.36 3.81
C GLN A 946 -4.49 21.47 5.02
N ALA A 947 -4.27 22.06 6.19
CA ALA A 947 -4.07 21.28 7.39
C ALA A 947 -5.31 20.52 7.81
N MET A 948 -6.49 21.01 7.44
CA MET A 948 -7.69 20.26 7.80
C MET A 948 -7.73 18.91 7.10
N MET A 949 -7.13 18.81 5.91
CA MET A 949 -7.07 17.52 5.24
C MET A 949 -6.22 16.53 6.02
N TYR A 950 -5.19 17.01 6.70
CA TYR A 950 -4.35 16.14 7.51
C TYR A 950 -5.02 15.79 8.83
N PHE A 951 -5.80 16.73 9.36
CA PHE A 951 -6.50 16.46 10.62
C PHE A 951 -7.67 15.51 10.42
N SER A 952 -8.23 15.47 9.21
CA SER A 952 -9.30 14.52 8.94
C SER A 952 -8.81 13.08 9.12
N TYR A 953 -7.60 12.79 8.69
CA TYR A 953 -7.02 11.47 8.92
C TYR A 953 -7.03 11.12 10.39
N ALA A 954 -6.48 12.01 11.21
CA ALA A 954 -6.38 11.77 12.64
C ALA A 954 -7.75 11.48 13.22
N GLY A 955 -8.70 12.37 12.97
CA GLY A 955 -10.02 12.19 13.57
C GLY A 955 -10.71 10.93 13.09
N CYS A 956 -10.78 10.75 11.77
CA CYS A 956 -11.48 9.62 11.21
C CYS A 956 -10.92 8.32 11.73
N PHE A 957 -9.60 8.17 11.74
CA PHE A 957 -9.07 6.86 12.07
C PHE A 957 -8.93 6.65 13.57
N ARG A 958 -8.89 7.69 14.39
CA ARG A 958 -9.04 7.47 15.83
C ARG A 958 -10.43 6.96 16.16
N PHE A 959 -11.46 7.62 15.62
CA PHE A 959 -12.80 7.11 15.85
C PHE A 959 -13.02 5.75 15.22
N GLY A 960 -12.41 5.49 14.08
CA GLY A 960 -12.52 4.19 13.47
C GLY A 960 -11.85 3.10 14.27
N ALA A 961 -10.73 3.40 14.89
CA ALA A 961 -10.12 2.46 15.81
C ALA A 961 -11.06 2.13 16.95
N TYR A 962 -11.69 3.15 17.52
CA TYR A 962 -12.68 2.90 18.57
C TYR A 962 -13.77 1.95 18.09
N LEU A 963 -14.34 2.24 16.93
CA LEU A 963 -15.47 1.46 16.44
C LEU A 963 -15.06 0.04 16.08
N VAL A 964 -13.92 -0.13 15.42
CA VAL A 964 -13.46 -1.46 15.07
C VAL A 964 -13.15 -2.26 16.31
N ALA A 965 -12.56 -1.63 17.33
CA ALA A 965 -12.23 -2.36 18.53
C ALA A 965 -13.46 -2.76 19.31
N HIS A 966 -14.51 -1.96 19.28
CA HIS A 966 -15.73 -2.32 19.98
C HIS A 966 -16.71 -3.09 19.12
N LYS A 967 -16.33 -3.43 17.89
CA LYS A 967 -17.03 -4.37 17.01
C LYS A 967 -18.22 -3.74 16.32
N LEU A 968 -18.32 -2.42 16.28
CA LEU A 968 -19.41 -1.77 15.62
C LEU A 968 -19.18 -1.60 14.13
N MET A 969 -18.02 -2.01 13.64
CA MET A 969 -17.57 -1.67 12.30
C MET A 969 -16.37 -2.53 11.97
N SER A 970 -15.99 -2.54 10.72
CA SER A 970 -14.76 -3.18 10.29
C SER A 970 -13.87 -2.16 9.62
N PHE A 971 -12.59 -2.52 9.47
CA PHE A 971 -11.69 -1.58 8.85
C PHE A 971 -12.06 -1.31 7.41
N GLU A 972 -12.61 -2.30 6.72
CA GLU A 972 -13.08 -2.08 5.36
C GLU A 972 -14.17 -1.03 5.33
N ASP A 973 -15.09 -1.06 6.30
CA ASP A 973 -16.14 -0.05 6.35
C ASP A 973 -15.57 1.31 6.68
N VAL A 974 -14.59 1.36 7.59
CA VAL A 974 -13.98 2.64 7.93
C VAL A 974 -13.32 3.24 6.71
N LEU A 975 -12.62 2.42 5.93
CA LEU A 975 -12.00 2.87 4.70
C LEU A 975 -13.04 3.36 3.70
N LEU A 976 -14.13 2.62 3.56
CA LEU A 976 -15.15 3.03 2.60
C LEU A 976 -15.72 4.37 2.99
N VAL A 977 -16.02 4.57 4.27
CA VAL A 977 -16.62 5.82 4.69
C VAL A 977 -15.64 6.96 4.52
N PHE A 978 -14.39 6.76 4.94
CA PHE A 978 -13.36 7.76 4.70
C PHE A 978 -13.32 8.14 3.23
N SER A 979 -13.00 7.17 2.38
CA SER A 979 -12.92 7.45 0.95
C SER A 979 -14.16 8.19 0.47
N ALA A 980 -15.33 7.53 0.50
CA ALA A 980 -16.57 8.15 0.06
C ALA A 980 -16.70 9.56 0.58
N VAL A 981 -16.94 9.73 1.88
CA VAL A 981 -17.31 11.05 2.40
C VAL A 981 -16.19 12.06 2.21
N VAL A 982 -14.97 11.76 2.68
CA VAL A 982 -13.93 12.78 2.68
C VAL A 982 -13.52 13.15 1.27
N PHE A 983 -13.19 12.16 0.43
CA PHE A 983 -12.74 12.54 -0.88
C PHE A 983 -13.87 12.87 -1.82
N GLY A 984 -15.13 12.59 -1.46
CA GLY A 984 -16.23 13.14 -2.22
C GLY A 984 -16.48 14.58 -1.88
N ALA A 985 -16.24 14.97 -0.63
CA ALA A 985 -16.26 16.38 -0.29
C ALA A 985 -15.15 17.12 -1.04
N MET A 986 -13.97 16.52 -1.10
CA MET A 986 -12.87 17.15 -1.82
C MET A 986 -13.21 17.26 -3.31
N ALA A 987 -13.83 16.23 -3.88
CA ALA A 987 -14.22 16.29 -5.28
C ALA A 987 -15.34 17.29 -5.51
N VAL A 988 -16.25 17.43 -4.56
CA VAL A 988 -17.30 18.43 -4.67
C VAL A 988 -16.69 19.81 -4.73
N GLY A 989 -15.70 20.07 -3.87
CA GLY A 989 -15.03 21.35 -3.92
C GLY A 989 -14.32 21.59 -5.24
N GLN A 990 -13.59 20.58 -5.70
CA GLN A 990 -12.85 20.71 -6.95
C GLN A 990 -13.77 20.96 -8.13
N VAL A 991 -14.94 20.32 -8.16
CA VAL A 991 -15.85 20.53 -9.27
C VAL A 991 -16.56 21.87 -9.14
N SER A 992 -16.93 22.27 -7.93
CA SER A 992 -17.60 23.54 -7.76
C SER A 992 -16.68 24.72 -8.03
N SER A 993 -15.37 24.50 -7.99
CA SER A 993 -14.47 25.60 -8.35
C SER A 993 -14.51 25.93 -9.83
N PHE A 994 -15.20 25.15 -10.65
CA PHE A 994 -15.36 25.46 -12.06
C PHE A 994 -16.70 26.10 -12.38
N ALA A 995 -17.56 26.24 -11.40
CA ALA A 995 -18.86 26.84 -11.64
C ALA A 995 -18.72 28.35 -11.72
N PRO A 996 -19.34 29.01 -12.69
CA PRO A 996 -19.24 30.46 -12.80
C PRO A 996 -20.27 31.15 -11.91
N ASP A 997 -20.06 32.45 -11.71
CA ASP A 997 -20.94 33.24 -10.86
C ASP A 997 -22.36 33.19 -11.37
N TYR A 998 -23.21 32.44 -10.68
CA TYR A 998 -24.60 32.32 -11.09
C TYR A 998 -25.31 33.66 -11.08
N ALA A 999 -24.95 34.53 -10.13
CA ALA A 999 -25.59 35.84 -10.07
C ALA A 999 -25.23 36.69 -11.27
N LYS A 1000 -23.93 36.79 -11.57
CA LYS A 1000 -23.50 37.54 -12.75
C LYS A 1000 -24.08 36.94 -14.01
N ALA A 1001 -24.23 35.62 -14.06
CA ALA A 1001 -24.76 34.99 -15.25
C ALA A 1001 -26.24 35.31 -15.43
N LYS A 1002 -27.00 35.30 -14.35
CA LYS A 1002 -28.41 35.70 -14.45
C LYS A 1002 -28.53 37.16 -14.88
N ILE A 1003 -27.62 38.01 -14.39
CA ILE A 1003 -27.67 39.42 -14.78
C ILE A 1003 -27.36 39.58 -16.26
N SER A 1004 -26.33 38.89 -16.75
CA SER A 1004 -26.01 38.92 -18.16
C SER A 1004 -27.17 38.43 -18.99
N ALA A 1005 -27.84 37.37 -18.56
CA ALA A 1005 -28.98 36.87 -19.31
C ALA A 1005 -30.11 37.89 -19.33
N ALA A 1006 -30.33 38.59 -18.21
CA ALA A 1006 -31.35 39.62 -18.18
C ALA A 1006 -31.05 40.72 -19.19
N HIS A 1007 -29.80 41.17 -19.22
CA HIS A 1007 -29.43 42.23 -20.16
C HIS A 1007 -29.57 41.76 -21.61
N ILE A 1008 -29.14 40.53 -21.88
CA ILE A 1008 -29.26 39.98 -23.22
C ILE A 1008 -30.73 39.94 -23.64
N ILE A 1009 -31.60 39.51 -22.73
CA ILE A 1009 -33.01 39.38 -23.09
C ILE A 1009 -33.62 40.76 -23.29
N MET A 1010 -33.18 41.74 -22.52
CA MET A 1010 -33.63 43.12 -22.75
C MET A 1010 -33.28 43.57 -24.15
N ILE A 1011 -32.02 43.40 -24.54
CA ILE A 1011 -31.58 43.85 -25.86
C ILE A 1011 -32.32 43.11 -26.96
N ILE A 1012 -32.61 41.82 -26.74
CA ILE A 1012 -33.24 41.04 -27.80
C ILE A 1012 -34.72 41.40 -27.93
N GLU A 1013 -35.38 41.70 -26.81
CA GLU A 1013 -36.80 42.03 -26.87
C GLU A 1013 -37.05 43.50 -27.14
N LYS A 1014 -36.02 44.35 -27.13
CA LYS A 1014 -36.20 45.77 -27.41
C LYS A 1014 -36.81 46.02 -28.79
N GLN B 1 -10.25 -30.94 19.59
CA GLN B 1 -8.99 -31.20 18.92
C GLN B 1 -9.12 -32.38 17.97
N VAL B 2 -8.87 -32.14 16.68
CA VAL B 2 -8.95 -33.21 15.71
C VAL B 2 -7.76 -34.14 15.88
N VAL B 3 -8.02 -35.44 15.91
CA VAL B 3 -6.98 -36.44 16.08
C VAL B 3 -6.69 -37.06 14.73
N MET B 4 -5.43 -37.10 14.35
CA MET B 4 -5.02 -37.60 13.05
C MET B 4 -4.25 -38.89 13.24
N THR B 5 -4.63 -39.92 12.50
CA THR B 5 -4.10 -41.27 12.69
C THR B 5 -3.48 -41.75 11.39
N GLN B 6 -2.26 -42.23 11.46
CA GLN B 6 -1.56 -42.77 10.30
C GLN B 6 -1.51 -44.28 10.42
N SER B 7 -2.03 -44.96 9.42
CA SER B 7 -2.31 -46.40 9.57
C SER B 7 -1.05 -47.24 9.64
N PRO B 8 -0.09 -47.16 8.72
CA PRO B 8 1.13 -47.94 8.90
C PRO B 8 2.17 -47.14 9.68
N LEU B 9 2.41 -47.52 10.93
CA LEU B 9 3.44 -46.84 11.71
C LEU B 9 4.82 -47.08 11.12
N SER B 10 4.99 -48.17 10.37
CA SER B 10 6.21 -48.44 9.64
C SER B 10 5.86 -49.09 8.32
N LEU B 11 6.51 -48.65 7.25
CA LEU B 11 6.17 -49.08 5.90
C LEU B 11 7.38 -49.62 5.18
N PRO B 12 7.59 -50.93 5.15
CA PRO B 12 8.71 -51.51 4.40
C PRO B 12 8.45 -51.39 2.91
N VAL B 13 9.36 -50.74 2.19
CA VAL B 13 9.22 -50.54 0.76
C VAL B 13 10.46 -51.08 0.06
N SER B 14 10.43 -51.06 -1.27
CA SER B 14 11.54 -51.48 -2.10
C SER B 14 11.87 -50.37 -3.08
N LEU B 15 13.16 -50.10 -3.25
CA LEU B 15 13.58 -49.02 -4.12
C LEU B 15 13.08 -49.27 -5.53
N GLY B 16 12.43 -48.27 -6.11
CA GLY B 16 11.85 -48.37 -7.42
C GLY B 16 10.40 -48.79 -7.45
N ASP B 17 9.86 -49.29 -6.35
CA ASP B 17 8.48 -49.74 -6.30
C ASP B 17 7.58 -48.57 -5.90
N GLN B 18 6.42 -48.87 -5.34
CA GLN B 18 5.43 -47.86 -4.99
C GLN B 18 5.15 -47.91 -3.49
N ALA B 19 4.67 -46.80 -2.95
CA ALA B 19 4.36 -46.73 -1.54
C ALA B 19 3.13 -45.85 -1.34
N SER B 20 2.35 -46.17 -0.31
CA SER B 20 1.12 -45.44 -0.06
C SER B 20 0.91 -45.33 1.44
N ILE B 21 0.77 -44.10 1.92
CA ILE B 21 0.71 -43.79 3.34
C ILE B 21 -0.64 -43.14 3.64
N SER B 22 -1.35 -43.67 4.62
CA SER B 22 -2.72 -43.26 4.87
C SER B 22 -2.81 -42.38 6.10
N CYS B 23 -3.81 -41.51 6.10
CA CYS B 23 -4.07 -40.63 7.23
C CYS B 23 -5.57 -40.58 7.39
N ARG B 24 -6.04 -40.55 8.63
CA ARG B 24 -7.47 -40.57 8.92
C ARG B 24 -7.77 -39.69 10.11
N SER B 25 -8.67 -38.73 9.93
CA SER B 25 -8.98 -37.81 11.00
C SER B 25 -10.22 -38.25 11.75
N SER B 26 -10.31 -37.83 13.01
CA SER B 26 -11.46 -38.11 13.84
C SER B 26 -12.66 -37.26 13.49
N GLN B 27 -12.60 -36.51 12.39
CA GLN B 27 -13.62 -35.53 12.06
C GLN B 27 -13.31 -35.00 10.68
N SER B 28 -14.35 -34.66 9.93
CA SER B 28 -14.18 -34.31 8.53
C SER B 28 -13.31 -33.08 8.37
N LEU B 29 -12.35 -33.14 7.46
CA LEU B 29 -11.43 -32.05 7.23
C LEU B 29 -11.88 -31.11 6.13
N LEU B 30 -13.09 -31.28 5.63
CA LEU B 30 -13.62 -30.38 4.62
C LEU B 30 -14.07 -29.09 5.28
N HIS B 31 -13.54 -27.97 4.83
CA HIS B 31 -13.89 -26.70 5.42
C HIS B 31 -15.22 -26.21 4.87
N SER B 32 -15.81 -25.27 5.60
CA SER B 32 -17.05 -24.67 5.13
C SER B 32 -16.89 -23.93 3.81
N ASN B 33 -15.67 -23.64 3.37
CA ASN B 33 -15.48 -22.96 2.11
C ASN B 33 -15.20 -23.92 0.96
N GLY B 34 -15.30 -25.22 1.20
CA GLY B 34 -15.15 -26.20 0.14
C GLY B 34 -13.77 -26.77 -0.01
N ASN B 35 -12.79 -26.30 0.75
CA ASN B 35 -11.44 -26.82 0.68
C ASN B 35 -11.17 -27.75 1.85
N THR B 36 -10.22 -28.64 1.63
CA THR B 36 -9.77 -29.60 2.63
C THR B 36 -8.31 -29.31 2.92
N TYR B 37 -8.00 -28.92 4.15
CA TYR B 37 -6.66 -28.48 4.49
C TYR B 37 -5.92 -29.61 5.19
N LEU B 38 -5.39 -30.50 4.37
CA LEU B 38 -4.54 -31.59 4.80
C LEU B 38 -3.24 -31.53 4.05
N HIS B 39 -2.12 -31.56 4.77
CA HIS B 39 -0.81 -31.39 4.20
C HIS B 39 0.09 -32.55 4.61
N TRP B 40 1.08 -32.84 3.77
CA TRP B 40 2.02 -33.93 3.96
C TRP B 40 3.43 -33.39 3.95
N TYR B 41 4.18 -33.71 5.00
CA TYR B 41 5.58 -33.31 5.17
C TYR B 41 6.47 -34.53 5.27
N LEU B 42 7.73 -34.34 4.90
CA LEU B 42 8.78 -35.35 5.04
C LEU B 42 9.85 -34.85 6.01
N GLN B 43 10.32 -35.74 6.87
CA GLN B 43 11.29 -35.42 7.90
C GLN B 43 12.43 -36.43 7.85
N LYS B 44 13.65 -35.94 7.81
CA LYS B 44 14.80 -36.84 7.66
C LYS B 44 15.78 -36.80 8.82
N GLY B 46 17.76 -35.61 10.95
CA GLY B 46 18.07 -34.45 11.76
C GLY B 46 17.98 -33.14 11.00
N GLN B 47 17.16 -33.12 9.96
CA GLN B 47 16.95 -31.96 9.12
C GLN B 47 15.58 -31.38 9.39
N SER B 48 15.28 -30.32 8.71
CA SER B 48 13.97 -29.73 8.93
C SER B 48 12.92 -30.49 8.13
N PRO B 49 11.70 -30.61 8.65
CA PRO B 49 10.62 -31.16 7.84
C PRO B 49 10.35 -30.32 6.61
N LYS B 50 10.15 -30.98 5.48
CA LYS B 50 9.91 -30.32 4.22
C LYS B 50 8.49 -30.57 3.77
N LEU B 51 7.81 -29.52 3.35
CA LEU B 51 6.45 -29.67 2.87
C LEU B 51 6.47 -30.34 1.50
N LEU B 52 5.72 -31.42 1.35
CA LEU B 52 5.53 -32.04 0.05
C LEU B 52 4.18 -31.66 -0.56
N ILE B 53 3.11 -32.12 0.04
CA ILE B 53 1.79 -31.92 -0.55
C ILE B 53 1.01 -31.00 0.37
N TYR B 54 0.18 -30.15 -0.20
CA TYR B 54 -0.67 -29.32 0.64
C TYR B 54 -2.05 -29.25 0.04
N LYS B 55 -3.04 -29.09 0.90
CA LYS B 55 -4.43 -29.07 0.50
C LYS B 55 -4.75 -30.34 -0.28
N VAL B 56 -4.40 -31.47 0.31
CA VAL B 56 -4.75 -32.81 -0.16
C VAL B 56 -3.88 -33.23 -1.33
N SER B 57 -3.84 -32.44 -2.40
CA SER B 57 -3.23 -32.92 -3.63
C SER B 57 -2.31 -31.96 -4.34
N ASN B 58 -2.15 -30.73 -3.89
CA ASN B 58 -1.28 -29.79 -4.58
C ASN B 58 0.16 -30.07 -4.21
N ARG B 59 1.01 -30.24 -5.22
CA ARG B 59 2.42 -30.48 -4.96
C ARG B 59 3.14 -29.17 -4.72
N PHE B 60 3.98 -29.15 -3.69
CA PHE B 60 4.70 -27.93 -3.36
C PHE B 60 5.72 -27.62 -4.44
N SER B 61 6.17 -26.37 -4.44
CA SER B 61 7.14 -25.92 -5.41
C SER B 61 8.45 -26.68 -5.27
N GLY B 62 8.90 -27.27 -6.37
CA GLY B 62 10.16 -27.99 -6.35
C GLY B 62 10.08 -29.41 -5.87
N VAL B 63 8.89 -29.98 -5.78
CA VAL B 63 8.71 -31.35 -5.33
C VAL B 63 8.59 -32.23 -6.57
N PRO B 64 9.31 -33.34 -6.64
CA PRO B 64 9.24 -34.19 -7.84
C PRO B 64 7.83 -34.65 -8.14
N ASP B 65 7.67 -35.19 -9.34
CA ASP B 65 6.36 -35.68 -9.76
C ASP B 65 6.02 -37.04 -9.17
N ARG B 66 6.91 -37.62 -8.36
CA ARG B 66 6.61 -38.93 -7.80
C ARG B 66 5.56 -38.85 -6.71
N PHE B 67 5.51 -37.74 -5.98
CA PHE B 67 4.59 -37.61 -4.86
C PHE B 67 3.23 -37.14 -5.35
N SER B 68 2.18 -37.83 -4.93
CA SER B 68 0.83 -37.43 -5.26
C SER B 68 -0.06 -37.66 -4.05
N GLY B 69 -1.12 -36.90 -3.97
CA GLY B 69 -2.02 -36.97 -2.82
C GLY B 69 -3.46 -37.11 -3.25
N SER B 70 -4.21 -37.87 -2.48
CA SER B 70 -5.63 -38.06 -2.74
C SER B 70 -6.35 -38.17 -1.41
N GLY B 71 -7.67 -38.25 -1.48
CA GLY B 71 -8.44 -38.38 -0.27
C GLY B 71 -9.60 -37.43 -0.23
N SER B 72 -10.55 -37.66 0.67
CA SER B 72 -11.80 -36.93 0.59
C SER B 72 -12.18 -36.26 1.91
N GLY B 73 -12.51 -37.06 2.90
CA GLY B 73 -12.86 -36.54 4.20
C GLY B 73 -12.62 -37.65 5.19
N THR B 74 -11.86 -37.36 6.25
CA THR B 74 -11.44 -38.37 7.21
C THR B 74 -10.73 -39.56 6.56
N ASP B 75 -10.25 -39.42 5.33
CA ASP B 75 -9.49 -40.51 4.71
C ASP B 75 -8.66 -39.92 3.59
N PHE B 76 -7.35 -39.92 3.75
CA PHE B 76 -6.44 -39.31 2.80
C PHE B 76 -5.23 -40.22 2.60
N THR B 77 -4.55 -40.04 1.48
CA THR B 77 -3.48 -40.91 1.07
C THR B 77 -2.38 -40.09 0.41
N LEU B 78 -1.15 -40.50 0.64
CA LEU B 78 0.03 -39.96 -0.05
C LEU B 78 0.70 -41.12 -0.75
N LYS B 79 0.83 -41.04 -2.06
CA LYS B 79 1.46 -42.09 -2.84
C LYS B 79 2.79 -41.61 -3.39
N ILE B 80 3.80 -42.46 -3.27
CA ILE B 80 5.10 -42.26 -3.90
C ILE B 80 5.20 -43.31 -4.99
N SER B 81 5.36 -42.85 -6.24
CA SER B 81 5.22 -43.74 -7.38
C SER B 81 6.44 -44.63 -7.54
N ARG B 82 7.63 -44.05 -7.49
CA ARG B 82 8.87 -44.80 -7.61
C ARG B 82 9.77 -44.41 -6.44
N VAL B 83 9.77 -45.23 -5.39
CA VAL B 83 10.53 -44.94 -4.18
C VAL B 83 12.01 -44.88 -4.53
N GLU B 84 12.56 -43.68 -4.62
CA GLU B 84 13.99 -43.51 -4.79
C GLU B 84 14.68 -43.67 -3.44
N ALA B 85 15.98 -43.39 -3.41
CA ALA B 85 16.74 -43.56 -2.17
C ALA B 85 16.81 -42.30 -1.34
N GLU B 86 16.39 -41.16 -1.88
CA GLU B 86 16.34 -39.92 -1.14
C GLU B 86 14.97 -39.68 -0.53
N ASP B 87 14.17 -40.73 -0.39
CA ASP B 87 12.83 -40.62 0.16
C ASP B 87 12.66 -41.32 1.49
N LEU B 88 13.64 -42.10 1.93
CA LEU B 88 13.52 -42.80 3.20
C LEU B 88 13.52 -41.77 4.32
N GLY B 89 12.42 -41.71 5.04
CA GLY B 89 12.29 -40.75 6.12
C GLY B 89 10.98 -40.97 6.83
N VAL B 90 10.48 -39.95 7.51
CA VAL B 90 9.22 -40.04 8.24
C VAL B 90 8.27 -39.07 7.58
N TYR B 91 7.17 -39.58 7.07
CA TYR B 91 6.13 -38.75 6.47
C TYR B 91 5.05 -38.54 7.49
N PHE B 92 4.64 -37.29 7.68
CA PHE B 92 3.54 -37.04 8.59
C PHE B 92 2.53 -36.09 7.97
N CYS B 93 1.27 -36.30 8.30
CA CYS B 93 0.19 -35.46 7.83
C CYS B 93 -0.10 -34.37 8.84
N SER B 94 -0.74 -33.31 8.36
CA SER B 94 -1.09 -32.18 9.20
C SER B 94 -2.42 -31.62 8.72
N GLN B 95 -3.30 -31.34 9.64
CA GLN B 95 -4.54 -30.65 9.31
C GLN B 95 -4.46 -29.21 9.79
N SER B 96 -5.15 -28.34 9.08
CA SER B 96 -5.33 -26.98 9.56
C SER B 96 -6.75 -26.51 9.34
N THR B 97 -7.71 -27.42 9.26
CA THR B 97 -9.10 -27.04 9.11
C THR B 97 -9.67 -26.52 10.42
N HIS B 98 -9.49 -27.26 11.51
CA HIS B 98 -10.03 -26.89 12.82
C HIS B 98 -8.88 -26.53 13.74
N ILE B 99 -8.76 -25.26 14.08
CA ILE B 99 -7.63 -24.82 14.88
C ILE B 99 -8.05 -23.84 15.97
N TRP B 102 -3.56 -26.66 15.88
CA TRP B 102 -2.96 -27.41 14.79
C TRP B 102 -2.60 -28.77 15.30
N THR B 103 -2.95 -29.82 14.57
CA THR B 103 -2.64 -31.17 15.00
C THR B 103 -1.98 -31.91 13.85
N PHE B 104 -1.13 -32.88 14.21
CA PHE B 104 -0.31 -33.59 13.25
C PHE B 104 -0.50 -35.07 13.41
N GLY B 105 -0.16 -35.81 12.37
CA GLY B 105 -0.22 -37.24 12.44
C GLY B 105 1.01 -37.82 13.08
N GLY B 106 0.92 -39.09 13.45
CA GLY B 106 2.00 -39.71 14.22
C GLY B 106 3.24 -39.99 13.42
N GLY B 107 3.16 -39.97 12.12
CA GLY B 107 4.33 -40.23 11.32
C GLY B 107 4.41 -41.67 10.87
N THR B 108 4.98 -41.88 9.68
CA THR B 108 5.18 -43.19 9.11
C THR B 108 6.60 -43.25 8.57
N LYS B 109 7.38 -44.21 9.05
CA LYS B 109 8.76 -44.35 8.62
C LYS B 109 8.86 -45.32 7.46
N LEU B 110 9.49 -44.89 6.39
CA LEU B 110 9.76 -45.75 5.26
C LEU B 110 11.02 -46.56 5.52
N ASP B 111 10.92 -47.87 5.34
CA ASP B 111 12.04 -48.77 5.54
C ASP B 111 12.26 -49.63 4.31
N ILE B 112 13.50 -49.97 4.05
CA ILE B 112 13.84 -50.84 2.94
C ILE B 112 13.38 -52.25 3.26
N LYS B 113 12.71 -52.88 2.31
CA LYS B 113 12.22 -54.24 2.49
C LYS B 113 13.26 -55.23 1.97
N ARG B 114 13.42 -56.32 2.72
CA ARG B 114 14.29 -57.41 2.29
C ARG B 114 13.74 -58.72 2.85
N ALA B 115 14.31 -59.82 2.40
CA ALA B 115 13.91 -61.13 2.90
C ALA B 115 14.14 -61.22 4.39
N ASP B 116 13.22 -61.90 5.07
CA ASP B 116 13.30 -62.04 6.52
C ASP B 116 14.61 -62.73 6.91
N ALA B 117 14.93 -62.63 8.20
CA ALA B 117 16.13 -63.23 8.74
C ALA B 117 15.89 -63.57 10.19
N ALA B 118 16.78 -64.40 10.73
CA ALA B 118 16.49 -64.72 12.11
C ALA B 118 17.49 -64.04 13.04
N PRO B 119 17.08 -63.71 14.26
CA PRO B 119 18.00 -63.08 15.20
C PRO B 119 19.13 -64.04 15.55
N THR B 120 20.35 -63.50 15.62
CA THR B 120 21.50 -64.26 16.10
C THR B 120 21.62 -64.04 17.60
N VAL B 121 20.73 -64.69 18.35
CA VAL B 121 20.65 -64.46 19.78
C VAL B 121 21.95 -64.91 20.45
N SER B 122 22.45 -64.08 21.35
CA SER B 122 23.67 -64.36 22.10
C SER B 122 23.48 -63.87 23.52
N ILE B 123 23.74 -64.75 24.49
CA ILE B 123 23.56 -64.46 25.91
C ILE B 123 24.92 -64.14 26.52
N PHE B 124 24.90 -63.32 27.57
CA PHE B 124 26.12 -62.96 28.27
C PHE B 124 25.89 -62.92 29.77
N PRO B 125 26.64 -63.69 30.55
CA PRO B 125 26.53 -63.62 32.00
C PRO B 125 27.26 -62.40 32.52
N PRO B 126 26.93 -61.93 33.72
CA PRO B 126 27.59 -60.73 34.25
C PRO B 126 29.09 -60.87 34.26
N SER B 127 29.78 -59.79 33.87
CA SER B 127 31.23 -59.82 33.76
C SER B 127 31.93 -60.00 35.09
N SER B 128 31.18 -60.05 36.20
CA SER B 128 31.69 -60.34 37.53
C SER B 128 32.68 -59.30 38.04
N GLU B 129 32.95 -58.26 37.25
CA GLU B 129 33.76 -57.15 37.70
C GLU B 129 32.96 -56.15 38.52
N GLN B 130 31.76 -56.53 38.95
CA GLN B 130 30.92 -55.67 39.77
C GLN B 130 31.20 -55.89 41.26
N LEU B 136 24.97 -56.49 39.37
CA LEU B 136 25.28 -57.18 38.12
C LEU B 136 24.07 -57.16 37.20
N SER B 137 24.31 -57.40 35.91
CA SER B 137 23.25 -57.35 34.92
C SER B 137 23.53 -58.34 33.79
N VAL B 138 22.46 -58.80 33.16
CA VAL B 138 22.54 -59.82 32.11
C VAL B 138 22.10 -59.20 30.79
N VAL B 139 22.81 -59.54 29.72
CA VAL B 139 22.67 -58.87 28.43
C VAL B 139 22.40 -59.89 27.34
N CYS B 140 21.30 -59.70 26.61
CA CYS B 140 20.96 -60.47 25.42
C CYS B 140 21.21 -59.61 24.19
N PHE B 141 21.76 -60.23 23.15
CA PHE B 141 22.05 -59.55 21.89
C PHE B 141 21.34 -60.28 20.77
N LEU B 142 20.46 -59.60 20.04
CA LEU B 142 19.71 -60.19 18.95
C LEU B 142 20.11 -59.44 17.68
N ASN B 143 21.04 -60.00 16.92
CA ASN B 143 21.67 -59.29 15.84
C ASN B 143 21.10 -59.72 14.49
N ASN B 144 21.09 -58.76 13.55
CA ASN B 144 20.92 -59.05 12.12
C ASN B 144 19.66 -59.85 11.86
N PHE B 145 18.53 -59.18 12.07
CA PHE B 145 17.24 -59.80 11.84
C PHE B 145 16.32 -58.83 11.13
N TYR B 146 15.20 -59.34 10.64
CA TYR B 146 14.22 -58.53 9.95
C TYR B 146 12.82 -59.10 10.16
N GLY B 164 12.56 -55.04 35.56
CA GLY B 164 13.81 -54.31 35.60
C GLY B 164 14.68 -54.54 34.38
N VAL B 165 14.04 -54.62 33.21
CA VAL B 165 14.72 -54.86 31.96
C VAL B 165 14.53 -53.65 31.06
N LEU B 166 15.53 -53.39 30.23
CA LEU B 166 15.44 -52.30 29.26
C LEU B 166 16.03 -52.75 27.92
N ASN B 167 15.53 -52.12 26.86
CA ASN B 167 15.81 -52.54 25.50
C ASN B 167 16.32 -51.37 24.70
N SER B 168 17.07 -51.69 23.65
CA SER B 168 17.60 -50.66 22.76
C SER B 168 17.75 -51.24 21.36
N TRP B 169 17.19 -50.55 20.38
CA TRP B 169 17.20 -51.01 19.00
C TRP B 169 18.05 -50.08 18.14
N THR B 170 18.86 -50.66 17.27
CA THR B 170 19.54 -49.85 16.28
C THR B 170 18.59 -49.53 15.14
N ASP B 171 18.97 -48.54 14.34
CA ASP B 171 18.25 -48.28 13.10
C ASP B 171 18.64 -49.32 12.06
N GLN B 172 17.92 -49.32 10.94
CA GLN B 172 18.21 -50.27 9.89
C GLN B 172 19.62 -50.06 9.35
N ASP B 173 20.38 -51.14 9.25
CA ASP B 173 21.74 -51.04 8.76
C ASP B 173 21.76 -50.47 7.36
N SER B 174 22.79 -49.69 7.05
CA SER B 174 22.86 -49.04 5.75
C SER B 174 23.27 -49.99 4.64
N LYS B 175 23.91 -51.11 4.98
CA LYS B 175 24.38 -52.03 3.96
C LYS B 175 23.47 -53.25 3.84
N ASP B 176 23.53 -54.13 4.83
CA ASP B 176 22.69 -55.32 4.82
C ASP B 176 21.24 -55.02 5.16
N SER B 177 20.97 -53.91 5.83
CA SER B 177 19.60 -53.43 6.05
C SER B 177 18.78 -54.38 6.91
N THR B 178 19.37 -54.87 7.99
CA THR B 178 18.64 -55.57 9.03
C THR B 178 18.73 -54.77 10.32
N TYR B 179 18.04 -55.26 11.35
CA TYR B 179 18.01 -54.59 12.64
C TYR B 179 18.81 -55.38 13.66
N SER B 180 19.05 -54.73 14.79
CA SER B 180 19.70 -55.37 15.90
C SER B 180 19.08 -54.84 17.19
N MET B 181 19.16 -55.65 18.23
CA MET B 181 18.47 -55.36 19.48
C MET B 181 19.38 -55.76 20.63
N SER B 182 19.36 -54.96 21.69
CA SER B 182 20.07 -55.28 22.91
C SER B 182 19.09 -55.20 24.06
N SER B 183 19.13 -56.20 24.94
CA SER B 183 18.27 -56.22 26.12
C SER B 183 19.14 -56.43 27.34
N THR B 184 18.81 -55.74 28.43
CA THR B 184 19.61 -55.84 29.64
C THR B 184 18.69 -55.88 30.86
N LEU B 185 18.88 -56.89 31.69
CA LEU B 185 18.13 -57.09 32.91
C LEU B 185 19.05 -56.83 34.09
N THR B 186 18.56 -56.07 35.07
CA THR B 186 19.38 -55.68 36.21
C THR B 186 18.93 -56.40 37.48
N GLU B 201 14.16 -65.29 25.46
CA GLU B 201 13.21 -65.62 24.41
C GLU B 201 13.30 -64.63 23.25
N ALA B 202 12.81 -65.05 22.08
CA ALA B 202 12.90 -64.23 20.88
C ALA B 202 11.69 -64.54 20.00
N THR B 203 10.67 -63.69 20.06
CA THR B 203 9.44 -63.90 19.31
C THR B 203 9.51 -63.10 18.02
N HIS B 204 9.96 -63.76 16.97
CA HIS B 204 10.08 -63.15 15.65
C HIS B 204 9.11 -63.80 14.68
N LYS B 205 9.15 -63.36 13.44
CA LYS B 205 8.29 -63.92 12.39
C LYS B 205 9.12 -64.62 11.33
N GLU C 1 16.24 -18.46 -1.22
CA GLU C 1 16.13 -19.47 -0.18
C GLU C 1 15.44 -18.92 1.03
N VAL C 2 14.66 -19.76 1.70
CA VAL C 2 14.08 -19.44 2.98
C VAL C 2 14.73 -20.36 3.99
N GLN C 3 15.24 -19.79 5.06
CA GLN C 3 15.93 -20.59 6.06
C GLN C 3 15.50 -20.15 7.44
N LEU C 4 15.32 -21.13 8.33
CA LEU C 4 15.02 -20.90 9.73
C LEU C 4 16.09 -21.66 10.50
N GLN C 5 17.11 -20.96 10.95
CA GLN C 5 18.21 -21.58 11.67
C GLN C 5 17.90 -21.60 13.16
N GLU C 6 17.81 -22.78 13.73
CA GLU C 6 17.55 -22.86 15.15
C GLU C 6 18.85 -22.97 15.93
N SER C 7 18.77 -22.62 17.21
CA SER C 7 19.93 -22.72 18.08
C SER C 7 20.32 -24.18 18.26
N GLY C 8 21.35 -24.42 19.05
CA GLY C 8 21.92 -25.74 19.16
C GLY C 8 21.35 -26.53 20.30
N PRO C 9 21.81 -27.77 20.42
CA PRO C 9 21.32 -28.65 21.49
C PRO C 9 21.62 -28.07 22.86
N GLU C 10 20.72 -28.32 23.79
CA GLU C 10 20.83 -27.77 25.13
C GLU C 10 20.61 -28.87 26.15
N LEU C 11 21.49 -28.95 27.14
CA LEU C 11 21.34 -29.83 28.28
C LEU C 11 21.15 -28.96 29.51
N VAL C 12 20.02 -29.12 30.17
CA VAL C 12 19.59 -28.19 31.20
C VAL C 12 19.36 -28.93 32.51
N LYS C 13 19.57 -28.24 33.61
CA LYS C 13 19.27 -28.81 34.92
C LYS C 13 17.79 -28.69 35.21
N THR C 14 17.25 -29.70 35.88
CA THR C 14 15.83 -29.72 36.19
C THR C 14 15.44 -28.51 37.01
N GLY C 15 14.33 -27.90 36.66
CA GLY C 15 13.83 -26.75 37.36
C GLY C 15 14.40 -25.42 36.91
N ALA C 16 15.33 -25.43 35.97
CA ALA C 16 15.94 -24.20 35.50
C ALA C 16 15.10 -23.63 34.35
N SER C 17 15.72 -22.83 33.50
CA SER C 17 15.07 -22.21 32.36
C SER C 17 16.02 -22.18 31.19
N VAL C 18 15.48 -22.28 29.98
CA VAL C 18 16.29 -22.23 28.77
C VAL C 18 15.52 -21.43 27.74
N LYS C 19 16.23 -20.65 26.95
CA LYS C 19 15.66 -19.89 25.85
C LYS C 19 16.30 -20.36 24.57
N ILE C 20 15.47 -20.78 23.62
CA ILE C 20 15.96 -21.24 22.33
C ILE C 20 15.45 -20.30 21.26
N SER C 21 16.17 -20.24 20.15
CA SER C 21 15.94 -19.22 19.15
C SER C 21 15.72 -19.84 17.79
N CYS C 22 15.15 -19.02 16.91
CA CYS C 22 14.87 -19.37 15.53
C CYS C 22 15.17 -18.14 14.71
N LYS C 23 16.29 -18.15 14.00
CA LYS C 23 16.75 -17.01 13.22
C LYS C 23 16.28 -17.18 11.78
N ALA C 24 15.44 -16.27 11.32
CA ALA C 24 14.89 -16.37 9.99
C ALA C 24 15.74 -15.60 9.01
N SER C 25 15.81 -16.09 7.78
CA SER C 25 16.57 -15.39 6.76
C SER C 25 16.03 -15.77 5.39
N GLY C 26 16.03 -14.82 4.48
CA GLY C 26 15.61 -15.07 3.13
C GLY C 26 14.19 -14.68 2.81
N TYR C 27 13.54 -13.90 3.65
CA TYR C 27 12.17 -13.48 3.40
C TYR C 27 11.85 -12.33 4.33
N SER C 28 10.69 -11.73 4.11
CA SER C 28 10.23 -10.60 4.90
C SER C 28 9.74 -11.10 6.25
N PHE C 29 10.55 -10.91 7.28
CA PHE C 29 10.29 -11.50 8.58
C PHE C 29 8.89 -11.15 9.10
N SER C 30 8.44 -9.94 8.86
CA SER C 30 7.27 -9.45 9.58
C SER C 30 5.95 -9.82 8.94
N ASN C 31 5.94 -10.65 7.91
CA ASN C 31 4.70 -11.04 7.26
C ASN C 31 4.25 -12.42 7.69
N TYR C 32 4.83 -12.97 8.74
CA TYR C 32 4.63 -14.35 9.10
C TYR C 32 4.46 -14.47 10.60
N TYR C 33 3.83 -15.56 11.01
CA TYR C 33 3.89 -16.04 12.38
C TYR C 33 4.99 -17.08 12.47
N ILE C 34 5.53 -17.23 13.66
CA ILE C 34 6.42 -18.34 13.96
C ILE C 34 5.69 -19.24 14.93
N HIS C 35 5.37 -20.45 14.49
CA HIS C 35 4.78 -21.47 15.33
C HIS C 35 5.88 -22.30 15.96
N TRP C 36 5.63 -22.77 17.16
CA TRP C 36 6.55 -23.65 17.87
C TRP C 36 5.89 -25.01 18.04
N VAL C 37 6.64 -26.06 17.76
CA VAL C 37 6.11 -27.41 17.77
C VAL C 37 7.06 -28.27 18.57
N LYS C 38 6.52 -29.17 19.36
CA LYS C 38 7.30 -30.01 20.25
C LYS C 38 7.16 -31.46 19.81
N GLN C 39 8.25 -32.21 19.84
CA GLN C 39 8.19 -33.63 19.54
C GLN C 39 8.97 -34.39 20.58
N SER C 40 8.29 -35.17 21.39
CA SER C 40 8.96 -36.09 22.28
C SER C 40 9.30 -37.37 21.53
N HIS C 41 10.15 -38.18 22.13
CA HIS C 41 10.60 -39.40 21.48
C HIS C 41 9.43 -40.36 21.31
N GLY C 42 9.17 -40.74 20.07
CA GLY C 42 8.12 -41.70 19.79
C GLY C 42 6.73 -41.18 19.99
N LYS C 43 6.50 -39.88 19.82
CA LYS C 43 5.17 -39.31 19.91
C LYS C 43 4.93 -38.41 18.72
N SER C 44 3.66 -38.08 18.53
CA SER C 44 3.26 -37.15 17.48
C SER C 44 3.72 -35.75 17.83
N LEU C 45 3.93 -34.93 16.80
CA LEU C 45 4.24 -33.54 17.04
C LEU C 45 3.09 -32.88 17.76
N GLU C 46 3.40 -31.79 18.46
CA GLU C 46 2.42 -31.14 19.32
C GLU C 46 2.61 -29.64 19.22
N TRP C 47 1.56 -28.94 18.87
CA TRP C 47 1.62 -27.51 18.67
C TRP C 47 1.64 -26.80 20.02
N ILE C 48 2.59 -25.89 20.20
CA ILE C 48 2.71 -25.14 21.44
C ILE C 48 2.02 -23.80 21.33
N GLY C 49 2.12 -23.14 20.19
CA GLY C 49 1.57 -21.81 20.06
C GLY C 49 2.31 -21.08 18.95
N PHE C 50 1.95 -19.82 18.77
CA PHE C 50 2.63 -19.02 17.78
C PHE C 50 2.80 -17.61 18.32
N ILE C 51 3.65 -16.85 17.66
CA ILE C 51 3.85 -15.44 17.96
C ILE C 51 3.89 -14.70 16.64
N SER C 52 3.31 -13.51 16.61
CA SER C 52 3.32 -12.71 15.41
C SER C 52 4.64 -11.98 15.28
N CYS C 53 5.31 -12.16 14.15
CA CYS C 53 6.59 -11.49 13.92
C CYS C 53 6.42 -10.05 13.49
N TYR C 54 5.21 -9.54 13.51
CA TYR C 54 4.93 -8.14 13.27
C TYR C 54 4.89 -7.31 14.55
N ASN C 55 4.04 -7.70 15.49
CA ASN C 55 3.91 -6.94 16.72
C ASN C 55 4.16 -7.77 17.96
N GLY C 56 4.47 -9.05 17.83
CA GLY C 56 4.75 -9.86 18.99
C GLY C 56 3.54 -10.34 19.73
N ALA C 57 2.38 -10.41 19.09
CA ALA C 57 1.20 -10.94 19.73
C ALA C 57 1.25 -12.45 19.71
N THR C 58 1.08 -13.06 20.87
CA THR C 58 1.25 -14.49 21.03
C THR C 58 -0.08 -15.18 21.22
N PHE C 59 -0.08 -16.49 21.01
CA PHE C 59 -1.19 -17.35 21.38
C PHE C 59 -0.61 -18.68 21.78
N TYR C 60 -1.03 -19.19 22.94
CA TYR C 60 -0.48 -20.41 23.50
C TYR C 60 -1.51 -21.51 23.54
N ASN C 61 -1.08 -22.71 23.21
CA ASN C 61 -1.86 -23.89 23.51
C ASN C 61 -2.16 -23.92 24.99
N GLN C 62 -3.38 -24.31 25.35
CA GLN C 62 -3.78 -24.26 26.75
C GLN C 62 -2.87 -25.08 27.64
N LYS C 63 -2.36 -26.20 27.14
CA LYS C 63 -1.47 -27.03 27.94
C LYS C 63 -0.18 -26.32 28.30
N PHE C 64 0.20 -25.31 27.54
CA PHE C 64 1.51 -24.70 27.66
C PHE C 64 1.46 -23.28 28.20
N LYS C 65 0.27 -22.71 28.39
CA LYS C 65 0.18 -21.35 28.89
C LYS C 65 0.85 -21.26 30.24
N GLY C 66 1.69 -20.24 30.40
CA GLY C 66 2.50 -20.11 31.59
C GLY C 66 3.76 -20.95 31.59
N LYS C 67 3.79 -22.03 30.83
CA LYS C 67 4.96 -22.90 30.80
C LYS C 67 6.01 -22.40 29.82
N ALA C 68 5.59 -21.71 28.76
CA ALA C 68 6.48 -21.20 27.73
C ALA C 68 6.21 -19.72 27.52
N THR C 69 7.13 -19.05 26.87
CA THR C 69 6.99 -17.63 26.60
C THR C 69 7.68 -17.29 25.29
N PHE C 70 6.94 -16.75 24.35
CA PHE C 70 7.50 -16.39 23.06
C PHE C 70 7.87 -14.91 23.04
N THR C 71 9.02 -14.60 22.46
CA THR C 71 9.39 -13.22 22.21
C THR C 71 9.96 -13.12 20.81
N VAL C 72 10.11 -11.90 20.33
CA VAL C 72 10.56 -11.65 18.97
C VAL C 72 11.52 -10.47 18.98
N ASP C 73 12.64 -10.62 18.31
CA ASP C 73 13.55 -9.52 18.04
C ASP C 73 13.45 -9.21 16.56
N ASN C 74 12.71 -8.15 16.23
CA ASN C 74 12.47 -7.80 14.84
C ASN C 74 13.72 -7.25 14.17
N SER C 75 14.64 -6.69 14.94
CA SER C 75 15.88 -6.18 14.36
C SER C 75 16.74 -7.31 13.82
N SER C 76 17.00 -8.31 14.66
CA SER C 76 17.81 -9.43 14.24
C SER C 76 17.03 -10.50 13.50
N SER C 77 15.72 -10.34 13.38
CA SER C 77 14.85 -11.33 12.76
C SER C 77 14.97 -12.68 13.46
N THR C 78 14.82 -12.66 14.78
CA THR C 78 14.85 -13.92 15.51
C THR C 78 13.61 -14.04 16.39
N ALA C 79 13.18 -15.26 16.61
CA ALA C 79 12.10 -15.56 17.53
C ALA C 79 12.66 -16.41 18.64
N TYR C 80 12.18 -16.21 19.85
CA TYR C 80 12.67 -16.95 21.01
C TYR C 80 11.51 -17.63 21.69
N MET C 81 11.77 -18.81 22.23
CA MET C 81 10.86 -19.46 23.15
C MET C 81 11.61 -19.81 24.42
N LYS C 82 11.07 -19.41 25.55
CA LYS C 82 11.70 -19.60 26.84
C LYS C 82 10.83 -20.49 27.71
N PHE C 83 11.46 -21.41 28.41
CA PHE C 83 10.76 -22.24 29.38
C PHE C 83 11.02 -21.74 30.79
N ASN C 84 10.14 -22.14 31.69
CA ASN C 84 10.27 -21.87 33.10
C ASN C 84 10.07 -23.17 33.85
N SER C 85 10.88 -23.39 34.88
CA SER C 85 10.75 -24.55 35.75
C SER C 85 10.69 -25.83 34.93
N LEU C 86 11.71 -26.03 34.11
CA LEU C 86 11.76 -27.19 33.24
C LEU C 86 11.67 -28.47 34.06
N THR C 87 10.92 -29.43 33.55
CA THR C 87 10.91 -30.77 34.12
C THR C 87 11.32 -31.78 33.08
N PHE C 88 11.49 -33.02 33.51
CA PHE C 88 11.99 -34.06 32.63
C PHE C 88 11.08 -34.26 31.43
N GLU C 89 9.77 -34.08 31.61
CA GLU C 89 8.82 -34.22 30.52
C GLU C 89 9.02 -33.20 29.42
N ASP C 90 9.90 -32.22 29.60
CA ASP C 90 10.20 -31.28 28.53
C ASP C 90 11.39 -31.68 27.69
N SER C 91 11.96 -32.84 27.92
CA SER C 91 13.01 -33.31 27.02
C SER C 91 12.39 -33.65 25.69
N ALA C 92 12.74 -32.91 24.65
CA ALA C 92 12.09 -33.09 23.36
C ALA C 92 12.86 -32.31 22.31
N VAL C 93 12.42 -32.40 21.08
CA VAL C 93 12.95 -31.58 20.00
C VAL C 93 11.92 -30.51 19.67
N TYR C 94 12.36 -29.27 19.59
CA TYR C 94 11.47 -28.14 19.37
C TYR C 94 11.77 -27.52 18.01
N TYR C 95 10.74 -27.39 17.20
CA TYR C 95 10.82 -26.82 15.88
C TYR C 95 10.13 -25.48 15.85
N CYS C 96 10.57 -24.62 14.96
CA CYS C 96 9.88 -23.41 14.58
C CYS C 96 9.44 -23.58 13.14
N ALA C 97 8.27 -23.05 12.81
CA ALA C 97 7.74 -23.07 11.46
C ALA C 97 7.11 -21.72 11.19
N ARG C 98 7.07 -21.32 9.93
CA ARG C 98 6.49 -20.03 9.60
C ARG C 98 5.16 -20.21 8.89
N LEU C 99 4.23 -19.30 9.17
CA LEU C 99 2.92 -19.33 8.57
C LEU C 99 2.60 -17.94 8.07
N PRO C 100 2.14 -17.77 6.84
CA PRO C 100 1.79 -16.44 6.35
C PRO C 100 0.66 -15.83 7.16
N ILE C 101 0.80 -14.55 7.49
CA ILE C 101 -0.24 -13.87 8.25
C ILE C 101 -1.48 -13.67 7.39
N GLN C 102 -1.32 -13.56 6.09
CA GLN C 102 -2.44 -13.23 5.22
C GLN C 102 -3.42 -14.37 5.11
N PHE C 103 -2.98 -15.61 5.21
CA PHE C 103 -3.84 -16.74 4.97
C PHE C 103 -4.21 -17.51 6.22
N GLY C 104 -3.53 -17.31 7.32
CA GLY C 104 -3.90 -18.01 8.54
C GLY C 104 -3.77 -19.49 8.34
N ASN C 105 -4.76 -20.24 8.82
CA ASN C 105 -4.73 -21.68 8.72
C ASN C 105 -5.09 -22.20 7.34
N PHE C 106 -5.37 -21.33 6.39
CA PHE C 106 -5.70 -21.74 5.04
C PHE C 106 -4.46 -21.97 4.19
N TYR C 107 -3.37 -22.35 4.82
CA TYR C 107 -2.08 -22.48 4.20
C TYR C 107 -1.24 -23.39 5.08
N PRO C 108 -0.34 -24.17 4.51
CA PRO C 108 0.52 -25.01 5.33
C PRO C 108 1.62 -24.21 6.00
N MET C 109 2.30 -24.85 6.94
CA MET C 109 3.55 -24.32 7.47
C MET C 109 4.61 -24.74 6.49
N ASP C 110 5.03 -23.83 5.62
CA ASP C 110 5.79 -24.23 4.45
C ASP C 110 7.25 -24.47 4.78
N TYR C 111 7.81 -23.70 5.70
CA TYR C 111 9.22 -23.83 6.03
C TYR C 111 9.37 -24.02 7.52
N TRP C 112 10.26 -24.93 7.89
CA TRP C 112 10.48 -25.32 9.26
C TRP C 112 11.94 -25.10 9.64
N GLY C 113 12.18 -25.01 10.91
CA GLY C 113 13.55 -25.04 11.39
C GLY C 113 14.03 -26.45 11.53
N GLN C 114 15.33 -26.60 11.76
CA GLN C 114 15.88 -27.95 11.80
C GLN C 114 15.67 -28.64 13.13
N GLY C 115 15.20 -27.94 14.16
CA GLY C 115 14.96 -28.57 15.43
C GLY C 115 16.05 -28.34 16.44
N THR C 116 15.66 -28.11 17.69
CA THR C 116 16.58 -27.93 18.80
C THR C 116 16.25 -28.98 19.84
N THR C 117 17.19 -29.85 20.15
CA THR C 117 16.93 -30.85 21.17
C THR C 117 17.24 -30.29 22.54
N VAL C 118 16.36 -30.55 23.49
CA VAL C 118 16.46 -30.03 24.84
C VAL C 118 16.34 -31.21 25.79
N THR C 119 17.39 -31.44 26.57
CA THR C 119 17.46 -32.54 27.51
C THR C 119 17.47 -31.96 28.92
N VAL C 120 16.40 -32.21 29.66
CA VAL C 120 16.26 -31.69 31.01
C VAL C 120 16.65 -32.80 31.97
N SER C 121 17.79 -32.65 32.62
CA SER C 121 18.29 -33.67 33.52
C SER C 121 18.88 -33.03 34.75
N SER C 122 18.70 -33.68 35.89
CA SER C 122 19.21 -33.17 37.16
C SER C 122 20.50 -33.85 37.59
N ALA C 123 20.95 -34.87 36.87
CA ALA C 123 22.14 -35.60 37.28
C ALA C 123 23.40 -34.76 37.09
N LYS C 124 24.47 -35.20 37.72
CA LYS C 124 25.76 -34.54 37.65
C LYS C 124 26.74 -35.38 36.85
N THR C 125 27.77 -34.71 36.32
CA THR C 125 28.73 -35.39 35.46
C THR C 125 29.28 -36.63 36.13
N THR C 126 29.20 -37.76 35.44
CA THR C 126 29.59 -39.04 36.00
C THR C 126 30.39 -39.81 34.96
N ALA C 127 31.47 -40.43 35.40
CA ALA C 127 32.28 -41.23 34.50
C ALA C 127 31.65 -42.61 34.33
N PRO C 128 31.76 -43.21 33.15
CA PRO C 128 31.10 -44.49 32.90
C PRO C 128 31.77 -45.62 33.66
N SER C 129 31.08 -46.75 33.69
CA SER C 129 31.64 -47.99 34.21
C SER C 129 31.62 -49.01 33.09
N VAL C 130 32.79 -49.45 32.66
CA VAL C 130 32.92 -50.36 31.52
C VAL C 130 33.00 -51.78 32.06
N TYR C 131 31.99 -52.58 31.75
CA TYR C 131 31.95 -53.96 32.19
C TYR C 131 32.15 -54.90 31.01
N VAL C 145 31.68 -65.59 16.57
CA VAL C 145 31.77 -65.38 18.01
C VAL C 145 31.41 -63.93 18.35
N THR C 146 30.53 -63.76 19.32
CA THR C 146 30.03 -62.44 19.70
C THR C 146 30.65 -61.99 21.01
N LEU C 147 31.16 -60.76 21.03
CA LEU C 147 31.69 -60.13 22.23
C LEU C 147 31.06 -58.75 22.35
N GLY C 148 31.11 -58.18 23.55
CA GLY C 148 30.47 -56.90 23.75
C GLY C 148 30.93 -56.21 25.01
N CYS C 149 30.75 -54.89 25.01
CA CYS C 149 31.06 -54.04 26.15
C CYS C 149 29.76 -53.40 26.67
N LEU C 150 29.70 -53.23 27.99
CA LEU C 150 28.57 -52.62 28.66
C LEU C 150 29.09 -51.36 29.33
N VAL C 151 28.85 -50.21 28.71
CA VAL C 151 29.28 -48.92 29.25
C VAL C 151 28.07 -48.40 30.02
N LYS C 152 28.05 -48.65 31.32
CA LYS C 152 26.84 -48.40 32.10
C LYS C 152 27.07 -47.25 33.07
N GLY C 153 26.01 -46.45 33.27
CA GLY C 153 25.94 -45.46 34.32
C GLY C 153 26.83 -44.25 34.14
N TYR C 154 26.59 -43.47 33.10
CA TYR C 154 27.37 -42.27 32.85
C TYR C 154 26.45 -41.10 32.55
N PHE C 155 27.06 -39.94 32.40
CA PHE C 155 26.38 -38.68 32.15
C PHE C 155 27.40 -37.57 31.99
N PRO C 156 27.25 -36.69 31.01
CA PRO C 156 26.19 -36.71 30.02
C PRO C 156 26.64 -37.41 28.76
N GLU C 157 25.71 -37.70 27.87
CA GLU C 157 26.08 -38.14 26.53
C GLU C 157 26.92 -37.06 25.87
N PRO C 158 27.81 -37.43 24.93
CA PRO C 158 28.01 -38.75 24.35
C PRO C 158 29.16 -39.52 24.95
N VAL C 159 29.39 -40.71 24.41
CA VAL C 159 30.49 -41.58 24.82
C VAL C 159 30.95 -42.34 23.59
N THR C 160 32.21 -42.19 23.23
CA THR C 160 32.73 -42.81 22.03
C THR C 160 33.24 -44.20 22.34
N LEU C 161 32.73 -45.20 21.62
CA LEU C 161 33.15 -46.58 21.78
C LEU C 161 33.83 -47.04 20.51
N THR C 162 34.99 -47.69 20.65
CA THR C 162 35.70 -48.26 19.52
C THR C 162 36.27 -49.63 19.92
N TRP C 163 36.52 -50.45 18.91
CA TRP C 163 37.12 -51.76 19.11
C TRP C 163 38.48 -51.77 18.45
N ASN C 164 39.52 -52.05 19.24
CA ASN C 164 40.90 -52.06 18.77
C ASN C 164 41.26 -50.76 18.08
N SER C 165 40.76 -49.65 18.60
CA SER C 165 41.07 -48.31 18.11
C SER C 165 40.67 -48.17 16.63
N GLY C 166 39.38 -48.39 16.38
CA GLY C 166 38.87 -48.28 15.03
C GLY C 166 39.42 -49.28 14.06
N SER C 167 40.01 -50.37 14.55
CA SER C 167 40.58 -51.37 13.67
C SER C 167 39.50 -52.18 12.95
N LEU C 168 38.31 -52.24 13.50
CA LEU C 168 37.25 -53.06 12.91
C LEU C 168 35.88 -52.59 13.36
N SER C 170 33.52 -53.17 11.09
CA SER C 170 32.94 -54.42 10.62
C SER C 170 32.45 -55.28 11.78
N GLY C 171 31.23 -55.78 11.66
CA GLY C 171 30.63 -56.60 12.70
C GLY C 171 30.26 -55.86 13.96
N VAL C 172 30.55 -54.57 14.06
CA VAL C 172 30.21 -53.81 15.26
C VAL C 172 28.71 -53.51 15.26
N HIS C 173 28.18 -53.25 16.45
CA HIS C 173 26.76 -52.95 16.60
C HIS C 173 26.59 -52.10 17.86
N THR C 174 26.88 -50.82 17.72
CA THR C 174 26.76 -49.90 18.85
C THR C 174 25.31 -49.49 19.01
N PHE C 175 24.70 -49.91 20.10
CA PHE C 175 23.32 -49.58 20.34
C PHE C 175 23.20 -48.19 20.98
N PRO C 176 22.11 -47.48 20.73
CA PRO C 176 21.94 -46.16 21.32
C PRO C 176 21.92 -46.21 22.84
N ALA C 177 22.16 -45.07 23.46
CA ALA C 177 22.18 -44.99 24.91
C ALA C 177 20.77 -44.86 25.46
N VAL C 178 20.55 -45.44 26.64
CA VAL C 178 19.23 -45.50 27.25
C VAL C 178 19.33 -44.98 28.67
N LEU C 179 18.39 -44.13 29.07
CA LEU C 179 18.33 -43.62 30.43
C LEU C 179 17.96 -44.74 31.39
N GLN C 180 18.78 -44.92 32.42
CA GLN C 180 18.49 -45.84 33.52
C GLN C 180 18.67 -45.04 34.80
N SER C 181 17.57 -44.46 35.28
CA SER C 181 17.57 -43.64 36.49
C SER C 181 18.58 -42.49 36.37
N ASP C 182 18.30 -41.59 35.44
CA ASP C 182 19.09 -40.37 35.21
C ASP C 182 20.54 -40.66 34.82
N LEU C 183 20.86 -41.89 34.42
CA LEU C 183 22.22 -42.25 34.06
C LEU C 183 22.18 -43.11 32.81
N TYR C 184 22.78 -42.62 31.74
CA TYR C 184 22.78 -43.35 30.49
C TYR C 184 23.52 -44.67 30.61
N THR C 185 23.08 -45.64 29.82
CA THR C 185 23.83 -46.87 29.60
C THR C 185 23.92 -47.10 28.11
N LEU C 186 24.88 -47.93 27.72
CA LEU C 186 25.15 -48.19 26.33
C LEU C 186 25.81 -49.56 26.24
N SER C 187 25.64 -50.22 25.10
CA SER C 187 26.28 -51.51 24.90
C SER C 187 26.74 -51.62 23.46
N SER C 188 27.75 -52.45 23.25
CA SER C 188 28.26 -52.67 21.90
C SER C 188 28.28 -54.16 21.59
N SER C 189 28.64 -54.49 20.36
CA SER C 189 28.60 -55.87 19.92
C SER C 189 29.51 -56.03 18.72
N VAL C 190 30.60 -56.74 18.90
CA VAL C 190 31.46 -57.15 17.80
C VAL C 190 31.24 -58.63 17.56
N THR C 191 31.34 -59.05 16.30
CA THR C 191 31.11 -60.43 15.91
C THR C 191 32.21 -60.83 14.94
N VAL C 192 32.97 -61.86 15.31
CA VAL C 192 34.06 -62.35 14.48
C VAL C 192 34.24 -63.83 14.78
N THR C 193 34.42 -64.62 13.72
CA THR C 193 34.68 -66.04 13.88
C THR C 193 36.03 -66.27 14.54
N SER C 194 36.12 -67.37 15.29
CA SER C 194 37.36 -67.71 15.99
C SER C 194 38.49 -67.99 15.02
N ILE C 202 40.16 -58.68 22.17
CA ILE C 202 40.12 -57.41 21.44
C ILE C 202 39.91 -56.27 22.41
N THR C 203 40.53 -55.13 22.13
CA THR C 203 40.41 -53.99 23.03
C THR C 203 39.10 -53.27 22.81
N CYS C 204 38.67 -52.54 23.83
CA CYS C 204 37.39 -51.84 23.86
C CYS C 204 37.66 -50.49 24.50
N ASN C 205 37.70 -49.46 23.68
CA ASN C 205 38.10 -48.12 24.12
C ASN C 205 36.86 -47.25 24.26
N VAL C 206 36.68 -46.71 25.45
CA VAL C 206 35.54 -45.88 25.81
C VAL C 206 36.09 -44.52 26.18
N ALA C 207 35.62 -43.49 25.47
CA ALA C 207 36.10 -42.13 25.65
C ALA C 207 34.92 -41.24 26.05
N HIS C 208 34.96 -40.74 27.28
CA HIS C 208 33.95 -39.81 27.75
C HIS C 208 34.59 -38.44 27.95
N PRO C 209 34.34 -37.48 27.06
CA PRO C 209 34.99 -36.18 27.21
C PRO C 209 34.58 -35.43 28.47
N ALA C 210 33.28 -35.40 28.79
CA ALA C 210 32.82 -34.63 29.94
C ALA C 210 33.46 -35.11 31.23
N SER C 211 33.78 -36.39 31.32
CA SER C 211 34.60 -36.91 32.41
C SER C 211 36.06 -37.00 32.03
N SER C 212 36.39 -36.75 30.76
CA SER C 212 37.77 -36.82 30.27
C SER C 212 38.40 -38.16 30.62
N THR C 213 37.70 -39.23 30.31
CA THR C 213 38.13 -40.58 30.62
C THR C 213 38.35 -41.34 29.34
N LYS C 214 39.35 -42.23 29.34
CA LYS C 214 39.65 -43.09 28.20
C LYS C 214 40.02 -44.47 28.75
N VAL C 215 39.01 -45.31 28.92
CA VAL C 215 39.19 -46.65 29.49
C VAL C 215 39.28 -47.65 28.34
N ASP C 216 40.35 -48.43 28.31
CA ASP C 216 40.55 -49.44 27.28
C ASP C 216 40.60 -50.80 27.96
N LYS C 217 39.49 -51.54 27.91
CA LYS C 217 39.44 -52.86 28.51
C LYS C 217 39.66 -53.92 27.44
N LYS C 218 40.45 -54.94 27.77
CA LYS C 218 40.62 -56.11 26.91
C LYS C 218 39.72 -57.23 27.40
N ILE C 219 38.95 -57.79 26.48
CA ILE C 219 38.02 -58.87 26.83
C ILE C 219 38.80 -60.17 26.98
N GLU C 220 38.55 -60.89 28.07
CA GLU C 220 39.19 -62.16 28.33
C GLU C 220 38.15 -63.23 28.62
N PRO C 221 38.39 -64.48 28.22
CA PRO C 221 37.42 -65.57 28.47
C PRO C 221 37.46 -66.07 29.91
C10 R0Z D . -8.17 10.04 -3.45
C15 R0Z D . -10.04 10.80 -5.36
C17 R0Z D . -7.90 11.10 -4.34
C21 R0Z D . -5.52 14.00 -4.75
C22 R0Z D . -4.34 13.76 -4.08
C24 R0Z D . -3.56 15.99 -4.58
C26 R0Z D . -5.74 15.24 -5.32
C28 R0Z D . -2.94 18.22 -3.56
C01 R0Z D . -4.41 8.69 0.39
C03 R0Z D . -6.53 8.32 -0.63
C04 R0Z D . -6.77 7.32 0.26
C05 R0Z D . -7.99 6.63 0.23
C06 R0Z D . -8.93 6.94 -0.71
C07 R0Z D . -8.71 7.96 -1.64
C08 R0Z D . -7.48 8.66 -1.60
C11 R0Z D . -9.40 9.37 -3.54
C12 R0Z D . -9.72 8.28 -2.63
C14 R0Z D . -10.32 9.77 -4.52
C16 R0Z D . -8.84 11.47 -5.26
C18 R0Z D . -6.59 11.83 -4.21
C23 R0Z D . -3.38 14.74 -4.00
C25 R0Z D . -4.77 16.22 -5.23
C27 R0Z D . -2.52 17.07 -4.46
C30 R0Z D . -2.99 18.89 -1.13
C31 R0Z D . -3.55 18.54 0.25
C32 R0Z D . -3.91 17.09 0.43
C33 R0Z D . -3.74 16.41 1.64
C34 R0Z D . -4.11 15.07 1.74
C35 R0Z D . -4.65 14.42 0.63
C36 R0Z D . -4.81 15.09 -0.56
C37 R0Z D . -4.49 16.45 -0.63
C38 R0Z D . -4.59 17.20 -1.92
C40 R0Z D . -4.67 12.24 -0.28
C42 R0Z D . -3.14 14.81 3.89
N09 R0Z D . -7.25 9.67 -2.50
N20 R0Z D . -6.54 13.03 -4.84
N29 R0Z D . -3.24 17.82 -2.15
O02 R0Z D . -5.36 9.02 -0.62
O13 R0Z D . -10.81 7.69 -2.68
O19 R0Z D . -5.71 11.34 -3.54
O39 R0Z D . -4.96 13.10 0.81
O41 R0Z D . -3.98 14.31 2.86
C10 R0Z E . -4.13 24.97 -12.58
C15 R0Z E . -1.38 24.60 -12.42
C17 R0Z E . -3.59 23.81 -11.99
C21 R0Z E . -4.84 20.34 -11.23
C22 R0Z E . -5.26 20.24 -9.92
C24 R0Z E . -6.20 18.08 -10.37
C26 R0Z E . -5.10 19.31 -12.11
C28 R0Z E . -5.90 15.76 -9.57
C01 R0Z E . -9.44 25.82 -12.14
C03 R0Z E . -7.45 26.44 -13.28
C04 R0Z E . -8.00 27.55 -13.84
C05 R0Z E . -7.17 28.56 -14.36
C06 R0Z E . -5.80 28.43 -14.32
C07 R0Z E . -5.21 27.29 -13.76
C08 R0Z E . -6.05 26.28 -13.22
C11 R0Z E . -3.25 25.95 -13.10
C12 R0Z E . -3.76 27.17 -13.71
C14 R0Z E . -1.86 25.73 -12.99
C16 R0Z E . -2.24 23.63 -11.93
C18 R0Z E . -4.54 22.78 -11.47
C23 R0Z E . -5.93 19.10 -9.50
C25 R0Z E . -5.77 18.19 -11.68
C27 R0Z E . -6.92 16.83 -9.90
C30 R0Z E . -7.49 13.98 -10.19
C31 R0Z E . -8.28 12.79 -9.66
C32 R0Z E . -7.48 11.85 -8.80
C33 R0Z E . -8.00 10.62 -8.41
C34 R0Z E . -7.29 9.75 -7.62
C35 R0Z E . -5.99 10.11 -7.21
C36 R0Z E . -5.46 11.30 -7.60
C37 R0Z E . -6.20 12.19 -8.39
C38 R0Z E . -5.55 13.49 -8.78
C40 R0Z E . -4.15 9.65 -5.80
C42 R0Z E . -9.03 8.15 -7.63
N09 R0Z E . -5.48 25.17 -12.67
N20 R0Z E . -4.15 21.50 -11.66
N29 R0Z E . -6.59 14.51 -9.13
O02 R0Z E . -8.21 25.45 -12.75
O13 R0Z E . -3.01 28.05 -14.16
O19 R0Z E . -5.60 23.10 -10.95
O39 R0Z E . -5.35 9.20 -6.43
O41 R0Z E . -7.74 8.54 -7.19
C10 R0Z F . -13.50 18.76 -14.18
C15 R0Z F . -13.64 20.14 -16.59
C17 R0Z F . -14.72 18.81 -14.90
C21 R0Z F . -17.56 19.84 -14.90
C22 R0Z F . -17.11 21.05 -14.41
C24 R0Z F . -18.54 22.24 -15.94
C26 R0Z F . -18.52 19.83 -15.89
C28 R0Z F . -18.59 23.92 -17.89
C01 R0Z F . -13.29 15.80 -9.52
C03 R0Z F . -12.25 17.29 -11.03
C04 R0Z F . -11.09 17.24 -10.29
C05 R0Z F . -9.95 17.88 -10.75
C06 R0Z F . -9.95 18.56 -11.94
C07 R0Z F . -11.11 18.65 -12.71
C08 R0Z F . -12.28 18.01 -12.24
C11 R0Z F . -12.36 19.42 -14.68
C12 R0Z F . -11.11 19.38 -13.96
C14 R0Z F . -12.46 20.10 -15.90
C16 R0Z F . -14.76 19.49 -16.09
C18 R0Z F . -15.87 18.06 -14.28
C23 R0Z F . -17.59 22.23 -14.92
C25 R0Z F . -18.99 21.01 -16.41
C27 R0Z F . -19.08 23.53 -16.50
C30 R0Z F . -17.03 25.35 -16.63
C31 R0Z F . -15.77 26.16 -16.71
C32 R0Z F . -14.60 25.39 -17.24
C33 R0Z F . -13.30 25.89 -17.10
C34 R0Z F . -12.21 25.19 -17.57
C35 R0Z F . -12.40 23.95 -18.21
C36 R0Z F . -13.67 23.45 -18.33
C37 R0Z F . -14.77 24.16 -17.86
C38 R0Z F . -16.14 23.55 -18.03
C40 R0Z F . -11.44 22.16 -19.43
C42 R0Z F . -10.66 26.76 -16.67
N09 R0Z F . -13.43 18.08 -12.99
N20 R0Z F . -17.11 18.59 -14.38
N29 R0Z F . -17.23 24.57 -17.88
O02 R0Z F . -13.39 16.69 -10.61
O13 R0Z F . -10.10 19.95 -14.39
O19 R0Z F . -15.61 17.03 -13.70
O39 R0Z F . -11.26 23.33 -18.64
O41 R0Z F . -10.91 25.61 -17.48
#